data_6LOP
#
_entry.id   6LOP
#
_cell.length_a   50.964
_cell.length_b   53.403
_cell.length_c   76.349
_cell.angle_alpha   94.640
_cell.angle_beta   104.630
_cell.angle_gamma   113.450
#
_symmetry.space_group_name_H-M   'P 1'
#
loop_
_entity.id
_entity.type
_entity.pdbx_description
1 polymer 'Tetraprenyl-beta-curcumene synthase'
2 non-polymer (2~{E},6~{E},10~{E})-3,7,11,15-tetramethylhexadeca-2,6,10,14-tetraen-1-ol
3 water water
#
_entity_poly.entity_id   1
_entity_poly.type   'polypeptide(L)'
_entity_poly.pdbx_seq_one_letter_code
;GSHMKVPTQPIPLMMNIFRDVLPTVHRYYDQWKERAKSIPDPELRAQALDALERKEFHCEGGGIYGLLARDRFDELIQFI
IAYQIMCDYLDNLCDQSDYLDPKDFRSLHNALLAALTPGEPLVNYYQYRIEQEDGGYLHELIETCQHILVTFPSFRMVQE
NMLELSQLYGDLQVHKHVVKEERIPRLEAWFNEHKEKMPEMTWFEFSACTGSTLGVYTLATYATKEGLTSEQADVIKAGY
FPWVQGVHLLLDYFIDQEEDIADDELNFLFYYENEEQMIERFQYFVQKAEESLSTLPDPKFHRHIWRGIIAIYLSDEKVQ
KNKELKKKSKQMIKMGGLPSLLFYLNSWIYRRDK
;
_entity_poly.pdbx_strand_id   A,B
#
# COMPACT_ATOMS: atom_id res chain seq x y z
N LYS A 5 -3.76 -24.13 -8.88
CA LYS A 5 -3.49 -24.10 -7.41
C LYS A 5 -3.41 -22.65 -6.90
N VAL A 6 -3.90 -22.42 -5.68
CA VAL A 6 -4.05 -21.06 -5.07
C VAL A 6 -2.66 -20.47 -4.80
N PRO A 7 -2.47 -19.14 -4.98
CA PRO A 7 -1.24 -18.47 -4.55
C PRO A 7 -1.09 -18.50 -3.02
N THR A 8 0.07 -18.91 -2.52
CA THR A 8 0.37 -19.02 -1.08
C THR A 8 1.64 -18.22 -0.72
N GLN A 9 2.23 -17.49 -1.67
CA GLN A 9 3.33 -16.54 -1.44
C GLN A 9 2.77 -15.12 -1.47
N PRO A 10 3.26 -14.21 -0.60
CA PRO A 10 2.70 -12.85 -0.49
C PRO A 10 2.54 -12.08 -1.81
N ILE A 11 3.59 -12.06 -2.64
CA ILE A 11 3.60 -11.23 -3.86
C ILE A 11 2.49 -11.68 -4.83
N PRO A 12 2.40 -12.96 -5.25
CA PRO A 12 1.34 -13.37 -6.18
C PRO A 12 -0.06 -13.31 -5.55
N LEU A 13 -0.16 -13.59 -4.24
CA LEU A 13 -1.43 -13.49 -3.49
C LEU A 13 -1.91 -12.03 -3.56
N MET A 14 -1.05 -11.08 -3.21
CA MET A 14 -1.42 -9.63 -3.24
C MET A 14 -1.71 -9.22 -4.68
N MET A 15 -0.96 -9.71 -5.66
CA MET A 15 -1.17 -9.30 -7.07
C MET A 15 -2.55 -9.77 -7.52
N ASN A 16 -2.92 -11.01 -7.22
CA ASN A 16 -4.24 -11.58 -7.58
C ASN A 16 -5.37 -10.83 -6.86
N ILE A 17 -5.15 -10.36 -5.62
CA ILE A 17 -6.17 -9.57 -4.86
C ILE A 17 -6.44 -8.28 -5.62
N PHE A 18 -5.41 -7.54 -6.01
CA PHE A 18 -5.57 -6.20 -6.64
C PHE A 18 -6.02 -6.35 -8.09
N ARG A 19 -5.58 -7.37 -8.81
CA ARG A 19 -5.89 -7.52 -10.25
C ARG A 19 -7.26 -8.18 -10.43
N ASP A 20 -7.51 -9.26 -9.69
CA ASP A 20 -8.66 -10.17 -9.92
C ASP A 20 -9.75 -9.97 -8.86
N VAL A 21 -9.41 -10.02 -7.57
CA VAL A 21 -10.45 -10.15 -6.50
C VAL A 21 -11.20 -8.82 -6.38
N LEU A 22 -10.49 -7.72 -6.11
CA LEU A 22 -11.13 -6.42 -5.79
C LEU A 22 -11.94 -5.89 -6.98
N PRO A 23 -11.44 -5.90 -8.24
CA PRO A 23 -12.26 -5.46 -9.37
C PRO A 23 -13.50 -6.34 -9.57
N THR A 24 -13.41 -7.64 -9.32
CA THR A 24 -14.55 -8.59 -9.49
C THR A 24 -15.57 -8.37 -8.37
N VAL A 25 -15.10 -8.20 -7.13
CA VAL A 25 -15.98 -7.87 -5.97
C VAL A 25 -16.75 -6.60 -6.31
N HIS A 26 -16.05 -5.55 -6.74
CA HIS A 26 -16.63 -4.20 -6.95
C HIS A 26 -17.55 -4.19 -8.17
N ARG A 27 -17.29 -5.03 -9.18
CA ARG A 27 -18.21 -5.16 -10.34
C ARG A 27 -19.61 -5.51 -9.84
N TYR A 28 -19.72 -6.43 -8.88
CA TYR A 28 -21.02 -6.92 -8.36
C TYR A 28 -21.51 -6.00 -7.25
N TYR A 29 -20.62 -5.61 -6.34
CA TYR A 29 -20.96 -4.74 -5.19
C TYR A 29 -21.56 -3.42 -5.69
N ASP A 30 -20.93 -2.80 -6.70
CA ASP A 30 -21.34 -1.49 -7.25
C ASP A 30 -22.71 -1.63 -7.93
N GLN A 31 -23.04 -2.81 -8.50
CA GLN A 31 -24.38 -3.12 -9.06
C GLN A 31 -25.43 -3.17 -7.94
N TRP A 32 -25.10 -3.74 -6.78
CA TRP A 32 -26.03 -3.80 -5.61
C TRP A 32 -26.27 -2.38 -5.06
N LYS A 33 -25.24 -1.54 -5.04
CA LYS A 33 -25.33 -0.12 -4.59
C LYS A 33 -26.32 0.64 -5.48
N GLU A 34 -26.26 0.44 -6.80
CA GLU A 34 -27.21 1.06 -7.76
C GLU A 34 -28.62 0.53 -7.46
N ARG A 35 -28.79 -0.78 -7.25
CA ARG A 35 -30.11 -1.38 -6.91
C ARG A 35 -30.67 -0.75 -5.64
N ALA A 36 -29.84 -0.64 -4.59
CA ALA A 36 -30.25 -0.15 -3.24
C ALA A 36 -30.83 1.27 -3.35
N LYS A 37 -30.30 2.08 -4.26
CA LYS A 37 -30.74 3.50 -4.44
C LYS A 37 -32.22 3.51 -4.85
N SER A 38 -32.72 2.45 -5.48
CA SER A 38 -34.10 2.39 -6.01
C SER A 38 -35.06 1.79 -4.97
N ILE A 39 -34.58 1.42 -3.78
CA ILE A 39 -35.46 0.92 -2.68
C ILE A 39 -36.48 2.02 -2.37
N PRO A 40 -37.81 1.75 -2.49
CA PRO A 40 -38.83 2.77 -2.22
C PRO A 40 -38.91 3.27 -0.77
N ASP A 41 -38.89 2.38 0.22
CA ASP A 41 -39.00 2.79 1.64
C ASP A 41 -37.73 3.56 2.03
N PRO A 42 -37.86 4.82 2.49
CA PRO A 42 -36.69 5.65 2.77
C PRO A 42 -35.81 5.10 3.90
N GLU A 43 -36.38 4.42 4.89
CA GLU A 43 -35.62 3.84 6.02
C GLU A 43 -34.88 2.58 5.55
N LEU A 44 -35.55 1.67 4.82
CA LEU A 44 -34.90 0.44 4.28
C LEU A 44 -33.77 0.89 3.33
N ARG A 45 -34.03 1.88 2.47
CA ARG A 45 -33.05 2.42 1.51
C ARG A 45 -31.81 2.93 2.26
N ALA A 46 -32.01 3.76 3.29
CA ALA A 46 -30.92 4.35 4.10
C ALA A 46 -30.05 3.26 4.73
N GLN A 47 -30.67 2.24 5.33
CA GLN A 47 -29.97 1.16 6.06
C GLN A 47 -29.18 0.31 5.05
N ALA A 48 -29.75 0.04 3.88
CA ALA A 48 -29.11 -0.71 2.77
C ALA A 48 -27.89 0.06 2.28
N LEU A 49 -28.03 1.37 2.04
CA LEU A 49 -26.94 2.23 1.50
C LEU A 49 -25.86 2.40 2.57
N ASP A 50 -26.24 2.54 3.83
CA ASP A 50 -25.26 2.71 4.93
C ASP A 50 -24.38 1.45 5.04
N ALA A 51 -24.99 0.27 5.01
CA ALA A 51 -24.25 -1.03 5.07
C ALA A 51 -23.29 -1.10 3.88
N LEU A 52 -23.74 -0.71 2.68
CA LEU A 52 -22.93 -0.74 1.44
C LEU A 52 -21.81 0.30 1.48
N GLU A 53 -22.10 1.49 2.02
CA GLU A 53 -21.12 2.60 2.13
C GLU A 53 -20.02 2.21 3.12
N ARG A 54 -20.37 1.61 4.26
CA ARG A 54 -19.45 1.47 5.43
C ARG A 54 -18.78 0.09 5.48
N LYS A 55 -19.34 -0.96 4.85
CA LYS A 55 -18.92 -2.36 5.13
C LYS A 55 -18.38 -3.05 3.87
N GLU A 56 -17.88 -2.26 2.91
CA GLU A 56 -17.23 -2.72 1.66
C GLU A 56 -16.14 -3.75 1.98
N PHE A 57 -15.36 -3.50 3.03
CA PHE A 57 -14.21 -4.34 3.42
C PHE A 57 -14.65 -5.79 3.65
N HIS A 58 -15.86 -6.03 4.18
CA HIS A 58 -16.36 -7.40 4.47
C HIS A 58 -16.42 -8.20 3.15
N CYS A 59 -16.91 -7.59 2.08
CA CYS A 59 -17.06 -8.23 0.75
C CYS A 59 -15.69 -8.36 0.07
N GLU A 60 -14.89 -7.30 0.13
CA GLU A 60 -13.52 -7.26 -0.44
C GLU A 60 -12.70 -8.40 0.16
N GLY A 61 -12.71 -8.54 1.49
CA GLY A 61 -12.04 -9.63 2.22
C GLY A 61 -12.64 -10.98 1.91
N GLY A 62 -13.96 -11.12 1.98
CA GLY A 62 -14.66 -12.39 1.70
C GLY A 62 -14.36 -12.89 0.29
N GLY A 63 -14.29 -11.98 -0.67
CA GLY A 63 -14.04 -12.29 -2.09
C GLY A 63 -12.70 -13.00 -2.31
N ILE A 64 -11.76 -12.87 -1.37
CA ILE A 64 -10.40 -13.46 -1.52
C ILE A 64 -10.53 -14.98 -1.58
N TYR A 65 -11.57 -15.57 -1.00
CA TYR A 65 -11.83 -17.02 -1.10
C TYR A 65 -12.00 -17.45 -2.55
N GLY A 66 -12.45 -16.56 -3.44
CA GLY A 66 -12.51 -16.81 -4.90
C GLY A 66 -11.22 -17.44 -5.42
N LEU A 67 -10.06 -17.09 -4.85
CA LEU A 67 -8.75 -17.55 -5.35
C LEU A 67 -8.63 -19.08 -5.20
N LEU A 68 -9.36 -19.69 -4.27
CA LEU A 68 -9.33 -21.16 -4.01
C LEU A 68 -10.17 -21.91 -5.06
N ALA A 69 -10.95 -21.20 -5.88
CA ALA A 69 -11.93 -21.82 -6.82
C ALA A 69 -11.98 -21.04 -8.12
N ARG A 70 -10.85 -20.94 -8.82
CA ARG A 70 -10.65 -20.13 -10.04
C ARG A 70 -11.66 -20.48 -11.12
N ASP A 71 -11.98 -21.76 -11.27
CA ASP A 71 -12.91 -22.29 -12.30
C ASP A 71 -14.32 -21.72 -12.04
N ARG A 72 -14.65 -21.34 -10.80
CA ARG A 72 -15.98 -20.80 -10.43
C ARG A 72 -15.84 -19.40 -9.82
N PHE A 73 -14.77 -18.69 -10.17
CA PHE A 73 -14.30 -17.44 -9.51
C PHE A 73 -15.44 -16.43 -9.37
N ASP A 74 -16.05 -16.03 -10.50
CA ASP A 74 -17.09 -14.98 -10.58
C ASP A 74 -18.33 -15.41 -9.77
N GLU A 75 -18.80 -16.64 -9.96
CA GLU A 75 -20.03 -17.18 -9.30
C GLU A 75 -19.83 -17.22 -7.79
N LEU A 76 -18.69 -17.74 -7.32
CA LEU A 76 -18.40 -17.85 -5.87
C LEU A 76 -18.35 -16.45 -5.24
N ILE A 77 -17.69 -15.51 -5.90
CA ILE A 77 -17.63 -14.09 -5.41
C ILE A 77 -19.05 -13.51 -5.40
N GLN A 78 -19.88 -13.79 -6.40
CA GLN A 78 -21.27 -13.25 -6.45
C GLN A 78 -22.06 -13.75 -5.24
N PHE A 79 -21.89 -15.03 -4.88
CA PHE A 79 -22.56 -15.64 -3.70
C PHE A 79 -22.06 -14.96 -2.42
N ILE A 80 -20.74 -14.87 -2.25
CA ILE A 80 -20.14 -14.32 -1.00
C ILE A 80 -20.63 -12.88 -0.82
N ILE A 81 -20.64 -12.10 -1.91
CA ILE A 81 -21.00 -10.66 -1.88
C ILE A 81 -22.49 -10.52 -1.56
N ALA A 82 -23.35 -11.37 -2.13
CA ALA A 82 -24.83 -11.31 -1.94
C ALA A 82 -25.13 -11.65 -0.48
N TYR A 83 -24.47 -12.70 0.04
CA TYR A 83 -24.68 -13.20 1.40
C TYR A 83 -24.17 -12.15 2.39
N GLN A 84 -22.99 -11.59 2.13
CA GLN A 84 -22.37 -10.62 3.06
C GLN A 84 -23.17 -9.31 3.03
N ILE A 85 -23.63 -8.87 1.86
CA ILE A 85 -24.48 -7.67 1.74
C ILE A 85 -25.73 -7.87 2.60
N MET A 86 -26.36 -9.04 2.52
CA MET A 86 -27.56 -9.38 3.35
C MET A 86 -27.21 -9.28 4.83
N CYS A 87 -26.11 -9.89 5.27
CA CYS A 87 -25.72 -9.87 6.70
C CYS A 87 -25.62 -8.41 7.19
N ASP A 88 -24.93 -7.55 6.43
CA ASP A 88 -24.63 -6.16 6.85
C ASP A 88 -25.92 -5.33 6.81
N TYR A 89 -26.75 -5.53 5.79
CA TYR A 89 -28.08 -4.87 5.66
C TYR A 89 -28.94 -5.25 6.87
N LEU A 90 -29.06 -6.55 7.17
CA LEU A 90 -29.94 -7.07 8.24
C LEU A 90 -29.40 -6.61 9.60
N ASP A 91 -28.08 -6.51 9.75
CA ASP A 91 -27.44 -6.04 11.01
C ASP A 91 -27.88 -4.59 11.25
N ASN A 92 -27.86 -3.75 10.21
CA ASN A 92 -28.32 -2.34 10.25
C ASN A 92 -29.79 -2.30 10.64
N LEU A 93 -30.64 -3.12 9.99
CA LEU A 93 -32.11 -3.15 10.24
C LEU A 93 -32.36 -3.46 11.72
N CYS A 94 -31.67 -4.45 12.27
CA CYS A 94 -31.80 -4.88 13.69
C CYS A 94 -31.23 -3.81 14.64
N ASP A 95 -30.09 -3.22 14.28
CA ASP A 95 -29.37 -2.24 15.14
C ASP A 95 -30.20 -0.95 15.24
N GLN A 96 -30.93 -0.61 14.17
CA GLN A 96 -31.62 0.69 14.01
C GLN A 96 -33.13 0.56 14.25
N SER A 97 -33.62 -0.63 14.62
CA SER A 97 -35.05 -0.85 14.95
C SER A 97 -35.43 0.02 16.14
N ASP A 98 -36.51 0.79 16.02
CA ASP A 98 -37.16 1.53 17.13
C ASP A 98 -38.03 0.57 17.97
N TYR A 99 -38.39 -0.60 17.43
CA TYR A 99 -39.42 -1.52 18.00
C TYR A 99 -38.77 -2.64 18.83
N LEU A 100 -37.58 -3.10 18.43
CA LEU A 100 -36.79 -4.15 19.12
C LEU A 100 -37.61 -5.45 19.24
N ASP A 101 -38.38 -5.81 18.21
CA ASP A 101 -39.18 -7.06 18.21
C ASP A 101 -38.30 -8.23 17.75
N PRO A 102 -38.02 -9.23 18.61
CA PRO A 102 -37.19 -10.37 18.22
C PRO A 102 -37.82 -11.18 17.08
N LYS A 103 -39.15 -11.13 16.94
CA LYS A 103 -39.85 -11.84 15.83
C LYS A 103 -39.41 -11.22 14.50
N ASP A 104 -39.24 -9.89 14.49
CA ASP A 104 -38.75 -9.12 13.32
C ASP A 104 -37.30 -9.54 13.05
N PHE A 105 -36.44 -9.52 14.07
CA PHE A 105 -35.00 -9.88 13.93
C PHE A 105 -34.89 -11.29 13.35
N ARG A 106 -35.69 -12.21 13.87
CA ARG A 106 -35.67 -13.63 13.45
C ARG A 106 -36.14 -13.73 12.00
N SER A 107 -37.27 -13.10 11.69
CA SER A 107 -37.88 -13.14 10.33
C SER A 107 -36.85 -12.64 9.31
N LEU A 108 -36.17 -11.54 9.63
CA LEU A 108 -35.12 -10.96 8.75
C LEU A 108 -33.99 -11.98 8.56
N HIS A 109 -33.49 -12.60 9.63
CA HIS A 109 -32.31 -13.50 9.57
C HIS A 109 -32.68 -14.84 8.91
N ASN A 110 -33.97 -15.15 8.81
CA ASN A 110 -34.46 -16.35 8.08
C ASN A 110 -34.18 -16.17 6.56
N ALA A 111 -33.99 -14.94 6.09
CA ALA A 111 -33.56 -14.65 4.69
C ALA A 111 -32.21 -15.34 4.40
N LEU A 112 -31.29 -15.35 5.36
CA LEU A 112 -29.95 -16.00 5.19
C LEU A 112 -30.12 -17.51 5.01
N LEU A 113 -31.06 -18.13 5.72
CA LEU A 113 -31.31 -19.59 5.63
C LEU A 113 -31.98 -19.90 4.29
N ALA A 114 -32.83 -18.99 3.79
CA ALA A 114 -33.47 -19.11 2.46
C ALA A 114 -32.38 -19.05 1.38
N ALA A 115 -31.42 -18.15 1.55
CA ALA A 115 -30.28 -17.96 0.62
C ALA A 115 -29.50 -19.28 0.48
N LEU A 116 -29.44 -20.07 1.55
CA LEU A 116 -28.66 -21.33 1.63
C LEU A 116 -29.56 -22.53 1.31
N THR A 117 -30.77 -22.29 0.83
CA THR A 117 -31.77 -23.36 0.55
C THR A 117 -32.39 -23.12 -0.82
N PRO A 118 -31.73 -23.60 -1.90
CA PRO A 118 -32.25 -23.43 -3.26
C PRO A 118 -33.71 -23.94 -3.34
N GLY A 119 -34.57 -23.14 -3.95
CA GLY A 119 -36.00 -23.46 -4.13
C GLY A 119 -36.84 -23.19 -2.88
N GLU A 120 -36.23 -22.70 -1.79
CA GLU A 120 -37.01 -22.20 -0.62
C GLU A 120 -37.90 -21.07 -1.10
N PRO A 121 -39.23 -21.15 -0.87
CA PRO A 121 -40.15 -20.11 -1.33
C PRO A 121 -39.86 -18.83 -0.53
N LEU A 122 -39.81 -17.69 -1.22
CA LEU A 122 -39.49 -16.38 -0.60
C LEU A 122 -40.77 -15.84 0.05
N VAL A 123 -40.66 -15.43 1.31
CA VAL A 123 -41.78 -14.88 2.12
C VAL A 123 -41.53 -13.38 2.31
N ASN A 124 -42.47 -12.69 2.97
CA ASN A 124 -42.27 -11.30 3.42
C ASN A 124 -41.41 -11.34 4.68
N TYR A 125 -40.10 -11.17 4.54
CA TYR A 125 -39.13 -11.20 5.66
C TYR A 125 -39.37 -9.97 6.55
N TYR A 126 -40.02 -8.93 6.02
CA TYR A 126 -40.32 -7.67 6.74
C TYR A 126 -41.68 -7.73 7.44
N GLN A 127 -42.30 -8.91 7.53
CA GLN A 127 -43.71 -9.08 7.99
C GLN A 127 -43.90 -8.59 9.43
N TYR A 128 -42.86 -8.50 10.26
CA TYR A 128 -43.01 -8.10 11.69
C TYR A 128 -42.55 -6.66 11.94
N ARG A 129 -42.36 -5.86 10.88
CA ARG A 129 -41.98 -4.43 11.04
C ARG A 129 -42.83 -3.59 10.08
N ILE A 130 -42.79 -2.28 10.28
CA ILE A 130 -43.65 -1.30 9.54
C ILE A 130 -43.08 -1.12 8.14
N GLU A 131 -41.75 -1.09 8.00
CA GLU A 131 -41.05 -0.88 6.70
C GLU A 131 -40.96 -2.22 5.94
N GLN A 132 -41.62 -2.31 4.79
CA GLN A 132 -41.67 -3.58 4.01
C GLN A 132 -41.47 -3.39 2.50
N GLU A 133 -41.45 -2.15 1.97
CA GLU A 133 -41.33 -1.91 0.50
C GLU A 133 -39.85 -1.75 0.11
N ASP A 134 -39.17 -2.85 -0.26
CA ASP A 134 -37.73 -2.80 -0.64
C ASP A 134 -37.58 -2.98 -2.15
N GLY A 135 -38.69 -3.07 -2.89
CA GLY A 135 -38.70 -3.26 -4.36
C GLY A 135 -38.03 -4.55 -4.78
N GLY A 136 -38.04 -5.58 -3.92
CA GLY A 136 -37.48 -6.91 -4.20
C GLY A 136 -36.00 -7.04 -3.85
N TYR A 137 -35.39 -6.02 -3.23
CA TYR A 137 -33.93 -6.01 -2.90
C TYR A 137 -33.54 -7.31 -2.20
N LEU A 138 -34.18 -7.63 -1.08
CA LEU A 138 -33.79 -8.80 -0.23
C LEU A 138 -34.02 -10.09 -1.02
N HIS A 139 -35.16 -10.22 -1.70
CA HIS A 139 -35.49 -11.40 -2.54
C HIS A 139 -34.42 -11.59 -3.62
N GLU A 140 -33.95 -10.50 -4.23
CA GLU A 140 -32.93 -10.54 -5.32
C GLU A 140 -31.62 -11.09 -4.75
N LEU A 141 -31.24 -10.66 -3.55
CA LEU A 141 -30.02 -11.13 -2.84
C LEU A 141 -30.16 -12.63 -2.54
N ILE A 142 -31.31 -13.06 -1.99
CA ILE A 142 -31.58 -14.49 -1.66
C ILE A 142 -31.48 -15.34 -2.93
N GLU A 143 -32.17 -14.93 -4.00
CA GLU A 143 -32.26 -15.71 -5.27
C GLU A 143 -30.87 -15.83 -5.89
N THR A 144 -30.07 -14.76 -5.80
CA THR A 144 -28.67 -14.74 -6.30
C THR A 144 -27.94 -15.93 -5.67
N CYS A 145 -28.03 -16.07 -4.35
CA CYS A 145 -27.33 -17.12 -3.57
C CYS A 145 -27.85 -18.49 -3.99
N GLN A 146 -29.19 -18.64 -4.00
CA GLN A 146 -29.91 -19.91 -4.28
C GLN A 146 -29.46 -20.47 -5.63
N HIS A 147 -29.46 -19.63 -6.66
CA HIS A 147 -29.21 -20.04 -8.06
C HIS A 147 -27.73 -20.38 -8.26
N ILE A 148 -26.83 -19.76 -7.49
CA ILE A 148 -25.37 -20.03 -7.60
C ILE A 148 -25.04 -21.32 -6.86
N LEU A 149 -25.49 -21.46 -5.61
CA LEU A 149 -25.07 -22.60 -4.75
C LEU A 149 -25.48 -23.92 -5.38
N VAL A 150 -26.67 -23.95 -6.00
CA VAL A 150 -27.27 -25.19 -6.57
C VAL A 150 -26.38 -25.68 -7.73
N THR A 151 -25.58 -24.80 -8.34
CA THR A 151 -24.67 -25.15 -9.47
C THR A 151 -23.33 -25.69 -8.98
N PHE A 152 -23.08 -25.71 -7.66
CA PHE A 152 -21.77 -26.14 -7.09
C PHE A 152 -21.84 -27.64 -6.85
N PRO A 153 -20.86 -28.43 -7.33
CA PRO A 153 -20.96 -29.90 -7.36
C PRO A 153 -21.12 -30.56 -5.99
N SER A 154 -20.54 -29.97 -4.95
CA SER A 154 -20.56 -30.55 -3.59
C SER A 154 -21.35 -29.64 -2.64
N PHE A 155 -22.21 -28.76 -3.15
CA PHE A 155 -23.05 -27.87 -2.30
C PHE A 155 -23.88 -28.74 -1.37
N ARG A 156 -24.47 -29.82 -1.89
CA ARG A 156 -25.36 -30.68 -1.09
C ARG A 156 -24.57 -31.26 0.10
N MET A 157 -23.27 -31.49 -0.04
CA MET A 157 -22.44 -32.07 1.06
C MET A 157 -22.19 -31.04 2.17
N VAL A 158 -22.11 -29.75 1.85
CA VAL A 158 -21.77 -28.68 2.84
C VAL A 158 -23.03 -27.96 3.35
N GLN A 159 -24.16 -28.11 2.66
CA GLN A 159 -25.37 -27.29 2.92
C GLN A 159 -25.75 -27.35 4.40
N GLU A 160 -25.80 -28.55 5.00
CA GLU A 160 -26.21 -28.72 6.42
C GLU A 160 -25.28 -27.90 7.32
N ASN A 161 -23.97 -27.96 7.08
CA ASN A 161 -22.98 -27.24 7.94
C ASN A 161 -23.13 -25.73 7.76
N MET A 162 -23.39 -25.27 6.53
CA MET A 162 -23.60 -23.82 6.23
C MET A 162 -24.83 -23.33 7.00
N LEU A 163 -25.89 -24.12 7.00
CA LEU A 163 -27.19 -23.79 7.63
C LEU A 163 -27.01 -23.76 9.15
N GLU A 164 -26.20 -24.67 9.70
CA GLU A 164 -25.90 -24.69 11.15
C GLU A 164 -25.21 -23.38 11.54
N LEU A 165 -24.23 -22.92 10.75
CA LEU A 165 -23.47 -21.68 11.06
C LEU A 165 -24.40 -20.48 10.90
N SER A 166 -25.19 -20.46 9.83
CA SER A 166 -26.13 -19.35 9.51
C SER A 166 -27.21 -19.26 10.61
N GLN A 167 -27.68 -20.39 11.10
CA GLN A 167 -28.71 -20.39 12.17
C GLN A 167 -28.10 -19.80 13.44
N LEU A 168 -26.89 -20.23 13.82
CA LEU A 168 -26.20 -19.71 15.03
C LEU A 168 -25.99 -18.20 14.88
N TYR A 169 -25.58 -17.76 13.68
CA TYR A 169 -25.39 -16.33 13.36
C TYR A 169 -26.71 -15.57 13.58
N GLY A 170 -27.82 -16.05 13.01
CA GLY A 170 -29.16 -15.45 13.15
C GLY A 170 -29.59 -15.40 14.62
N ASP A 171 -29.43 -16.49 15.36
CA ASP A 171 -29.75 -16.55 16.82
C ASP A 171 -29.02 -15.42 17.56
N LEU A 172 -27.73 -15.25 17.30
CA LEU A 172 -26.89 -14.17 17.90
C LEU A 172 -27.53 -12.81 17.61
N GLN A 173 -27.84 -12.55 16.34
CA GLN A 173 -28.39 -11.25 15.88
C GLN A 173 -29.75 -11.00 16.53
N VAL A 174 -30.55 -12.05 16.73
CA VAL A 174 -31.86 -11.90 17.44
C VAL A 174 -31.58 -11.48 18.88
N HIS A 175 -30.82 -12.28 19.64
CA HIS A 175 -30.70 -12.13 21.11
C HIS A 175 -29.96 -10.84 21.44
N LYS A 176 -28.99 -10.41 20.64
CA LYS A 176 -28.12 -9.27 21.05
C LYS A 176 -28.81 -7.94 20.73
N HIS A 177 -29.86 -7.90 19.92
CA HIS A 177 -30.52 -6.64 19.51
C HIS A 177 -31.83 -6.35 20.26
N VAL A 178 -32.27 -7.23 21.15
CA VAL A 178 -33.51 -7.01 21.96
C VAL A 178 -33.23 -5.92 23.01
N VAL A 179 -34.27 -5.48 23.72
CA VAL A 179 -34.15 -4.47 24.80
C VAL A 179 -33.01 -4.92 25.73
N LYS A 180 -32.19 -3.96 26.18
CA LYS A 180 -30.89 -4.20 26.86
C LYS A 180 -31.01 -5.32 27.90
N GLU A 181 -31.99 -5.21 28.80
CA GLU A 181 -32.09 -6.06 30.03
C GLU A 181 -32.38 -7.53 29.68
N GLU A 182 -32.84 -7.82 28.48
CA GLU A 182 -33.25 -9.20 28.07
C GLU A 182 -32.13 -9.89 27.27
N ARG A 183 -31.10 -9.14 26.84
CA ARG A 183 -30.02 -9.67 25.96
C ARG A 183 -29.23 -10.79 26.64
N ILE A 184 -28.65 -10.53 27.81
CA ILE A 184 -27.71 -11.50 28.45
C ILE A 184 -28.48 -12.74 28.90
N PRO A 185 -29.66 -12.65 29.55
CA PRO A 185 -30.43 -13.86 29.87
C PRO A 185 -30.70 -14.73 28.66
N ARG A 186 -31.08 -14.14 27.52
CA ARG A 186 -31.30 -14.89 26.25
C ARG A 186 -30.00 -15.55 25.79
N LEU A 187 -28.90 -14.81 25.79
CA LEU A 187 -27.59 -15.31 25.32
C LEU A 187 -27.10 -16.46 26.22
N GLU A 188 -27.23 -16.32 27.54
CA GLU A 188 -26.80 -17.36 28.50
C GLU A 188 -27.64 -18.63 28.29
N ALA A 189 -28.96 -18.51 28.18
CA ALA A 189 -29.87 -19.67 28.03
C ALA A 189 -29.59 -20.34 26.67
N TRP A 190 -29.36 -19.53 25.64
CA TRP A 190 -29.01 -20.01 24.28
C TRP A 190 -27.67 -20.76 24.34
N PHE A 191 -26.64 -20.18 24.95
CA PHE A 191 -25.32 -20.85 25.08
C PHE A 191 -25.49 -22.21 25.77
N ASN A 192 -26.33 -22.26 26.81
CA ASN A 192 -26.53 -23.49 27.63
C ASN A 192 -26.97 -24.66 26.76
N GLU A 193 -27.74 -24.42 25.71
CA GLU A 193 -28.20 -25.48 24.77
C GLU A 193 -27.03 -26.04 23.95
N HIS A 194 -25.97 -25.25 23.70
CA HIS A 194 -24.88 -25.63 22.77
C HIS A 194 -23.61 -26.00 23.54
N LYS A 195 -23.52 -25.69 24.83
CA LYS A 195 -22.23 -25.67 25.56
C LYS A 195 -21.64 -27.08 25.65
N GLU A 196 -22.48 -28.11 25.62
CA GLU A 196 -22.07 -29.54 25.68
C GLU A 196 -21.32 -29.92 24.39
N LYS A 197 -21.75 -29.37 23.25
CA LYS A 197 -21.16 -29.63 21.91
C LYS A 197 -19.89 -28.80 21.70
N MET A 198 -19.55 -27.90 22.62
CA MET A 198 -18.53 -26.86 22.41
C MET A 198 -17.33 -27.09 23.34
N PRO A 199 -16.12 -26.67 22.92
CA PRO A 199 -15.00 -26.54 23.85
C PRO A 199 -15.45 -25.66 25.02
N GLU A 200 -14.77 -25.83 26.17
CA GLU A 200 -15.04 -25.02 27.39
C GLU A 200 -14.84 -23.54 27.04
N MET A 201 -15.91 -22.76 27.13
CA MET A 201 -15.87 -21.29 26.91
C MET A 201 -17.08 -20.69 27.62
N THR A 202 -17.14 -19.36 27.67
CA THR A 202 -18.21 -18.59 28.33
C THR A 202 -19.32 -18.35 27.31
N TRP A 203 -20.49 -17.93 27.77
CA TRP A 203 -21.62 -17.49 26.91
C TRP A 203 -21.14 -16.40 25.94
N PHE A 204 -20.31 -15.47 26.41
CA PHE A 204 -19.93 -14.25 25.65
C PHE A 204 -18.85 -14.61 24.62
N GLU A 205 -17.97 -15.56 24.94
CA GLU A 205 -16.99 -16.13 23.98
C GLU A 205 -17.76 -16.88 22.88
N PHE A 206 -18.72 -17.72 23.27
CA PHE A 206 -19.58 -18.46 22.32
C PHE A 206 -20.28 -17.45 21.41
N SER A 207 -20.83 -16.38 21.98
CA SER A 207 -21.55 -15.34 21.23
C SER A 207 -20.62 -14.81 20.12
N ALA A 208 -19.36 -14.48 20.45
CA ALA A 208 -18.33 -14.02 19.48
C ALA A 208 -18.10 -15.08 18.40
N CYS A 209 -17.97 -16.37 18.77
CA CYS A 209 -17.69 -17.47 17.81
C CYS A 209 -18.79 -17.57 16.75
N THR A 210 -20.03 -17.24 17.09
CA THR A 210 -21.19 -17.39 16.16
C THR A 210 -21.32 -16.20 15.22
N GLY A 211 -20.64 -15.09 15.49
CA GLY A 211 -20.89 -13.79 14.83
C GLY A 211 -20.12 -13.59 13.53
N SER A 212 -19.31 -14.56 13.10
CA SER A 212 -18.51 -14.50 11.85
C SER A 212 -19.24 -15.20 10.70
N THR A 213 -18.92 -14.81 9.47
CA THR A 213 -19.46 -15.47 8.25
C THR A 213 -18.35 -16.28 7.56
N LEU A 214 -17.15 -16.38 8.13
CA LEU A 214 -15.99 -16.97 7.43
C LEU A 214 -16.24 -18.45 7.10
N GLY A 215 -16.83 -19.20 8.03
CA GLY A 215 -17.13 -20.63 7.86
C GLY A 215 -18.08 -20.85 6.69
N VAL A 216 -19.08 -19.99 6.53
CA VAL A 216 -20.05 -20.08 5.40
C VAL A 216 -19.29 -19.90 4.07
N TYR A 217 -18.41 -18.91 3.96
CA TYR A 217 -17.70 -18.65 2.67
C TYR A 217 -16.74 -19.80 2.35
N THR A 218 -16.07 -20.34 3.38
CA THR A 218 -15.13 -21.47 3.25
C THR A 218 -15.87 -22.71 2.77
N LEU A 219 -17.01 -23.04 3.39
CA LEU A 219 -17.86 -24.19 2.97
C LEU A 219 -18.34 -23.97 1.53
N ALA A 220 -18.82 -22.78 1.18
CA ALA A 220 -19.28 -22.45 -0.20
C ALA A 220 -18.12 -22.62 -1.19
N THR A 221 -16.91 -22.24 -0.79
CA THR A 221 -15.69 -22.35 -1.63
C THR A 221 -15.46 -23.82 -1.97
N TYR A 222 -15.45 -24.70 -0.98
CA TYR A 222 -15.12 -26.13 -1.18
C TYR A 222 -16.31 -26.85 -1.83
N ALA A 223 -17.51 -26.28 -1.73
CA ALA A 223 -18.70 -26.75 -2.46
C ALA A 223 -18.40 -26.76 -3.96
N THR A 224 -17.48 -25.92 -4.44
CA THR A 224 -17.16 -25.84 -5.89
C THR A 224 -16.32 -27.05 -6.33
N LYS A 225 -15.77 -27.83 -5.39
CA LYS A 225 -14.89 -28.99 -5.70
C LYS A 225 -15.73 -30.24 -5.95
N GLU A 226 -15.31 -31.08 -6.91
CA GLU A 226 -15.92 -32.40 -7.20
C GLU A 226 -15.64 -33.36 -6.03
N GLY A 227 -16.66 -34.07 -5.56
CA GLY A 227 -16.54 -35.26 -4.69
C GLY A 227 -16.10 -34.92 -3.28
N LEU A 228 -16.26 -33.67 -2.84
CA LEU A 228 -16.08 -33.31 -1.40
C LEU A 228 -16.88 -34.31 -0.58
N THR A 229 -16.27 -34.85 0.47
CA THR A 229 -16.88 -35.88 1.36
C THR A 229 -17.57 -35.19 2.53
N SER A 230 -18.52 -35.87 3.17
CA SER A 230 -19.19 -35.37 4.40
C SER A 230 -18.12 -35.19 5.49
N GLU A 231 -17.13 -36.10 5.53
CA GLU A 231 -15.99 -36.03 6.48
C GLU A 231 -15.25 -34.71 6.28
N GLN A 232 -14.98 -34.33 5.02
CA GLN A 232 -14.25 -33.09 4.69
C GLN A 232 -15.14 -31.87 4.97
N ALA A 233 -16.43 -31.90 4.64
CA ALA A 233 -17.39 -30.83 5.00
C ALA A 233 -17.25 -30.51 6.50
N ASP A 234 -17.18 -31.55 7.33
CA ASP A 234 -17.12 -31.40 8.81
C ASP A 234 -15.74 -30.86 9.22
N VAL A 235 -14.66 -31.34 8.60
CA VAL A 235 -13.28 -30.81 8.84
C VAL A 235 -13.27 -29.32 8.52
N ILE A 236 -13.87 -28.93 7.39
CA ILE A 236 -13.87 -27.53 6.90
C ILE A 236 -14.63 -26.64 7.90
N LYS A 237 -15.82 -27.06 8.36
CA LYS A 237 -16.58 -26.29 9.38
C LYS A 237 -15.72 -26.13 10.63
N ALA A 238 -15.12 -27.21 11.13
CA ALA A 238 -14.34 -27.24 12.39
C ALA A 238 -13.03 -26.45 12.24
N GLY A 239 -12.57 -26.22 11.01
CA GLY A 239 -11.36 -25.42 10.73
C GLY A 239 -11.56 -23.96 11.10
N TYR A 240 -12.80 -23.47 10.98
CA TYR A 240 -13.15 -22.05 11.19
C TYR A 240 -13.99 -21.87 12.47
N PHE A 241 -14.80 -22.87 12.82
CA PHE A 241 -15.74 -22.79 13.98
C PHE A 241 -15.31 -23.79 15.04
N PRO A 242 -15.13 -23.39 16.33
CA PRO A 242 -15.43 -22.04 16.80
C PRO A 242 -14.30 -20.99 16.82
N TRP A 243 -13.06 -21.43 16.67
CA TRP A 243 -11.85 -20.67 17.12
C TRP A 243 -11.57 -19.48 16.20
N VAL A 244 -11.53 -19.68 14.89
CA VAL A 244 -11.17 -18.62 13.91
C VAL A 244 -12.27 -17.54 13.95
N GLN A 245 -13.52 -17.96 13.83
CA GLN A 245 -14.71 -17.06 13.94
C GLN A 245 -14.65 -16.28 15.26
N GLY A 246 -14.31 -16.97 16.35
CA GLY A 246 -14.10 -16.36 17.68
C GLY A 246 -13.06 -15.26 17.65
N VAL A 247 -11.87 -15.53 17.11
CA VAL A 247 -10.77 -14.52 17.05
C VAL A 247 -11.25 -13.33 16.23
N HIS A 248 -11.89 -13.61 15.09
CA HIS A 248 -12.46 -12.59 14.18
C HIS A 248 -13.34 -11.60 14.98
N LEU A 249 -14.34 -12.10 15.71
CA LEU A 249 -15.30 -11.24 16.42
C LEU A 249 -14.69 -10.65 17.70
N LEU A 250 -13.82 -11.39 18.39
CA LEU A 250 -13.10 -10.83 19.57
C LEU A 250 -12.34 -9.58 19.14
N LEU A 251 -11.66 -9.62 17.98
CA LEU A 251 -10.98 -8.45 17.37
C LEU A 251 -11.99 -7.36 17.02
N ASP A 252 -13.06 -7.69 16.31
CA ASP A 252 -14.13 -6.71 15.95
C ASP A 252 -14.54 -5.95 17.23
N TYR A 253 -14.80 -6.66 18.32
CA TYR A 253 -15.28 -6.08 19.60
C TYR A 253 -14.14 -5.31 20.30
N PHE A 254 -12.90 -5.80 20.17
CA PHE A 254 -11.68 -5.14 20.71
C PHE A 254 -11.58 -3.70 20.16
N ILE A 255 -11.75 -3.58 18.85
CA ILE A 255 -11.57 -2.31 18.09
C ILE A 255 -12.75 -1.37 18.38
N ASP A 256 -13.93 -1.90 18.68
CA ASP A 256 -15.19 -1.13 18.83
C ASP A 256 -15.46 -0.76 20.30
N GLN A 257 -14.50 -0.98 21.20
CA GLN A 257 -14.69 -0.83 22.66
C GLN A 257 -15.15 0.60 23.00
N GLU A 258 -14.36 1.60 22.59
N GLU A 258 -14.34 1.60 22.63
CA GLU A 258 -14.51 3.01 23.05
CA GLU A 258 -14.51 3.02 23.05
C GLU A 258 -15.90 3.54 22.66
C GLU A 258 -15.90 3.53 22.67
N GLU A 259 -16.40 3.15 21.48
CA GLU A 259 -17.75 3.58 21.01
C GLU A 259 -18.84 2.81 21.76
N ASP A 260 -18.57 1.57 22.18
CA ASP A 260 -19.53 0.73 22.94
C ASP A 260 -19.64 1.28 24.38
N ILE A 261 -18.52 1.61 25.03
CA ILE A 261 -18.51 2.24 26.39
C ILE A 261 -19.32 3.54 26.34
N ALA A 262 -19.06 4.38 25.32
CA ALA A 262 -19.64 5.73 25.16
C ALA A 262 -21.13 5.65 24.83
N ASP A 263 -21.55 4.66 24.02
CA ASP A 263 -22.94 4.49 23.51
C ASP A 263 -23.69 3.43 24.34
N ASP A 264 -23.14 2.98 25.46
CA ASP A 264 -23.70 1.89 26.31
C ASP A 264 -24.23 0.79 25.38
N GLU A 265 -23.33 0.06 24.73
CA GLU A 265 -23.65 -0.97 23.70
C GLU A 265 -22.99 -2.29 24.10
N LEU A 266 -23.64 -3.41 23.76
CA LEU A 266 -23.22 -4.77 24.20
C LEU A 266 -21.86 -5.10 23.57
N ASN A 267 -20.85 -5.33 24.41
CA ASN A 267 -19.49 -5.71 23.98
C ASN A 267 -19.05 -6.95 24.77
N PHE A 268 -18.85 -8.08 24.10
CA PHE A 268 -18.60 -9.39 24.74
C PHE A 268 -17.31 -9.35 25.58
N LEU A 269 -16.35 -8.47 25.25
CA LEU A 269 -15.06 -8.38 25.99
C LEU A 269 -15.29 -7.84 27.41
N PHE A 270 -16.38 -7.11 27.66
CA PHE A 270 -16.66 -6.43 28.95
C PHE A 270 -17.05 -7.42 30.04
N TYR A 271 -17.31 -8.70 29.73
CA TYR A 271 -17.82 -9.72 30.68
C TYR A 271 -16.67 -10.61 31.17
N TYR A 272 -15.45 -10.40 30.68
CA TYR A 272 -14.22 -10.97 31.30
C TYR A 272 -14.06 -10.34 32.69
N GLU A 273 -13.55 -11.12 33.64
CA GLU A 273 -13.38 -10.70 35.06
C GLU A 273 -12.44 -9.49 35.09
N ASN A 274 -11.41 -9.49 34.23
CA ASN A 274 -10.40 -8.40 34.15
C ASN A 274 -9.67 -8.51 32.80
N GLU A 275 -8.76 -7.57 32.52
CA GLU A 275 -8.07 -7.45 31.21
C GLU A 275 -7.06 -8.59 31.04
N GLU A 276 -6.42 -9.01 32.14
CA GLU A 276 -5.44 -10.12 32.15
C GLU A 276 -6.11 -11.39 31.60
N GLN A 277 -7.32 -11.70 32.10
CA GLN A 277 -8.12 -12.87 31.67
C GLN A 277 -8.48 -12.74 30.19
N MET A 278 -8.93 -11.56 29.76
CA MET A 278 -9.29 -11.26 28.35
C MET A 278 -8.08 -11.56 27.44
N ILE A 279 -6.90 -11.00 27.74
CA ILE A 279 -5.68 -11.18 26.91
C ILE A 279 -5.30 -12.67 26.88
N GLU A 280 -5.32 -13.34 28.04
CA GLU A 280 -4.97 -14.77 28.17
C GLU A 280 -5.91 -15.61 27.30
N ARG A 281 -7.23 -15.39 27.40
CA ARG A 281 -8.22 -16.17 26.61
C ARG A 281 -8.05 -15.84 25.13
N PHE A 282 -7.80 -14.58 24.76
CA PHE A 282 -7.60 -14.20 23.34
C PHE A 282 -6.41 -14.99 22.79
N GLN A 283 -5.32 -15.06 23.54
CA GLN A 283 -4.10 -15.80 23.11
C GLN A 283 -4.43 -17.30 22.97
N TYR A 284 -5.28 -17.85 23.84
CA TYR A 284 -5.72 -19.26 23.77
C TYR A 284 -6.50 -19.47 22.46
N PHE A 285 -7.46 -18.59 22.15
CA PHE A 285 -8.29 -18.64 20.92
C PHE A 285 -7.38 -18.62 19.70
N VAL A 286 -6.36 -17.78 19.71
CA VAL A 286 -5.39 -17.61 18.57
C VAL A 286 -4.68 -18.95 18.35
N GLN A 287 -4.17 -19.56 19.42
CA GLN A 287 -3.45 -20.87 19.37
C GLN A 287 -4.41 -21.94 18.85
N LYS A 288 -5.65 -22.00 19.37
CA LYS A 288 -6.64 -23.01 18.92
C LYS A 288 -7.01 -22.73 17.46
N ALA A 289 -7.09 -21.46 17.07
CA ALA A 289 -7.39 -21.04 15.68
C ALA A 289 -6.27 -21.52 14.75
N GLU A 290 -5.01 -21.28 15.11
CA GLU A 290 -3.85 -21.75 14.30
C GLU A 290 -3.94 -23.27 14.11
N GLU A 291 -4.28 -24.00 15.18
N GLU A 291 -4.24 -23.99 15.19
CA GLU A 291 -4.37 -25.47 15.19
CA GLU A 291 -4.38 -25.47 15.19
C GLU A 291 -5.53 -25.93 14.29
C GLU A 291 -5.51 -25.87 14.22
N SER A 292 -6.69 -25.27 14.36
CA SER A 292 -7.87 -25.64 13.54
C SER A 292 -7.59 -25.33 12.05
N LEU A 293 -6.95 -24.20 11.74
CA LEU A 293 -6.67 -23.80 10.33
C LEU A 293 -5.74 -24.82 9.66
N SER A 294 -4.78 -25.36 10.41
CA SER A 294 -3.73 -26.31 9.94
C SER A 294 -4.36 -27.64 9.49
N THR A 295 -5.62 -27.91 9.86
CA THR A 295 -6.33 -29.16 9.51
C THR A 295 -6.98 -29.03 8.12
N LEU A 296 -7.04 -27.82 7.56
CA LEU A 296 -7.82 -27.53 6.34
C LEU A 296 -7.04 -27.94 5.10
N PRO A 297 -7.73 -28.19 3.96
CA PRO A 297 -7.08 -28.15 2.66
C PRO A 297 -6.47 -26.76 2.45
N ASP A 298 -5.40 -26.68 1.65
CA ASP A 298 -4.72 -25.40 1.32
C ASP A 298 -4.40 -24.66 2.62
N PRO A 299 -3.79 -25.33 3.63
CA PRO A 299 -3.61 -24.71 4.95
C PRO A 299 -2.86 -23.36 4.90
N LYS A 300 -1.87 -23.23 4.00
CA LYS A 300 -1.04 -22.00 3.89
C LYS A 300 -1.89 -20.81 3.44
N PHE A 301 -2.81 -21.02 2.52
CA PHE A 301 -3.79 -19.98 2.08
C PHE A 301 -4.62 -19.51 3.27
N HIS A 302 -5.22 -20.44 3.99
CA HIS A 302 -6.09 -20.11 5.17
C HIS A 302 -5.28 -19.34 6.22
N ARG A 303 -4.02 -19.72 6.44
N ARG A 303 -4.02 -19.73 6.45
CA ARG A 303 -3.16 -19.03 7.44
CA ARG A 303 -3.14 -19.03 7.44
C ARG A 303 -2.90 -17.59 6.97
C ARG A 303 -2.90 -17.59 6.97
N HIS A 304 -2.75 -17.36 5.66
CA HIS A 304 -2.62 -16.02 5.05
C HIS A 304 -3.90 -15.20 5.24
N ILE A 305 -5.07 -15.76 4.91
CA ILE A 305 -6.39 -15.09 5.11
C ILE A 305 -6.44 -14.63 6.57
N TRP A 306 -6.12 -15.53 7.48
CA TRP A 306 -6.22 -15.34 8.94
C TRP A 306 -5.25 -14.25 9.44
N ARG A 307 -3.99 -14.27 9.02
CA ARG A 307 -3.00 -13.22 9.36
C ARG A 307 -3.50 -11.86 8.83
N GLY A 308 -4.06 -11.86 7.62
CA GLY A 308 -4.62 -10.66 6.96
C GLY A 308 -5.77 -10.08 7.77
N ILE A 309 -6.68 -10.94 8.24
CA ILE A 309 -7.83 -10.57 9.12
C ILE A 309 -7.29 -9.82 10.33
N ILE A 310 -6.38 -10.45 11.07
CA ILE A 310 -5.83 -9.89 12.34
C ILE A 310 -5.20 -8.53 12.03
N ALA A 311 -4.32 -8.48 11.01
CA ALA A 311 -3.54 -7.29 10.64
C ALA A 311 -4.49 -6.16 10.23
N ILE A 312 -5.48 -6.44 9.37
CA ILE A 312 -6.37 -5.36 8.85
C ILE A 312 -7.23 -4.83 9.99
N TYR A 313 -7.73 -5.70 10.85
CA TYR A 313 -8.53 -5.31 12.03
C TYR A 313 -7.66 -4.42 12.94
N LEU A 314 -6.45 -4.85 13.31
CA LEU A 314 -5.61 -4.10 14.28
C LEU A 314 -5.06 -2.81 13.65
N SER A 315 -5.04 -2.69 12.32
CA SER A 315 -4.59 -1.49 11.57
C SER A 315 -5.61 -0.35 11.70
N ASP A 316 -6.80 -0.62 12.21
CA ASP A 316 -7.87 0.41 12.41
C ASP A 316 -7.28 1.62 13.14
N GLU A 317 -7.68 2.82 12.73
CA GLU A 317 -7.42 4.12 13.41
C GLU A 317 -7.77 4.02 14.91
N LYS A 318 -8.90 3.39 15.23
CA LYS A 318 -9.41 3.26 16.64
C LYS A 318 -8.33 2.61 17.51
N VAL A 319 -7.53 1.71 16.96
CA VAL A 319 -6.41 1.05 17.68
C VAL A 319 -5.15 1.91 17.53
N GLN A 320 -4.76 2.23 16.30
CA GLN A 320 -3.40 2.77 16.00
C GLN A 320 -3.30 4.24 16.44
N LYS A 321 -4.41 4.97 16.61
CA LYS A 321 -4.39 6.38 17.09
C LYS A 321 -4.78 6.45 18.56
N ASN A 322 -4.76 5.32 19.30
CA ASN A 322 -5.09 5.23 20.75
C ASN A 322 -3.93 4.52 21.46
N LYS A 323 -3.06 5.28 22.13
CA LYS A 323 -1.78 4.78 22.71
C LYS A 323 -2.04 3.52 23.54
N GLU A 324 -3.12 3.52 24.32
CA GLU A 324 -3.49 2.41 25.25
C GLU A 324 -3.93 1.18 24.46
N LEU A 325 -4.88 1.31 23.52
CA LEU A 325 -5.41 0.17 22.74
C LEU A 325 -4.28 -0.45 21.93
N LYS A 326 -3.45 0.38 21.30
CA LYS A 326 -2.31 -0.07 20.48
C LYS A 326 -1.38 -0.92 21.36
N LYS A 327 -1.07 -0.45 22.57
CA LYS A 327 -0.18 -1.19 23.50
C LYS A 327 -0.83 -2.54 23.82
N LYS A 328 -2.10 -2.52 24.26
CA LYS A 328 -2.84 -3.74 24.66
C LYS A 328 -2.97 -4.70 23.47
N SER A 329 -3.05 -4.19 22.23
CA SER A 329 -3.22 -5.02 21.01
C SER A 329 -1.96 -5.86 20.77
N LYS A 330 -0.77 -5.31 21.03
CA LYS A 330 0.52 -6.02 20.84
C LYS A 330 0.73 -7.04 21.97
N GLN A 331 0.18 -6.78 23.15
CA GLN A 331 0.11 -7.76 24.27
C GLN A 331 -0.74 -8.95 23.82
N MET A 332 -1.85 -8.69 23.13
CA MET A 332 -2.79 -9.74 22.64
C MET A 332 -2.11 -10.63 21.58
N ILE A 333 -1.40 -10.03 20.62
CA ILE A 333 -0.79 -10.75 19.47
C ILE A 333 0.28 -9.86 18.81
N LYS A 334 1.44 -10.43 18.51
CA LYS A 334 2.54 -9.73 17.79
C LYS A 334 2.43 -10.13 16.31
N MET A 335 2.54 -9.15 15.42
CA MET A 335 2.23 -9.30 13.97
C MET A 335 3.37 -8.75 13.13
N GLY A 336 4.58 -8.70 13.69
CA GLY A 336 5.80 -8.22 13.02
C GLY A 336 5.65 -6.80 12.50
N GLY A 337 4.75 -6.02 13.10
CA GLY A 337 4.52 -4.60 12.77
C GLY A 337 3.62 -4.41 11.56
N LEU A 338 2.94 -5.46 11.09
CA LEU A 338 2.04 -5.39 9.90
C LEU A 338 0.86 -4.45 10.18
N PRO A 339 0.18 -4.53 11.35
CA PRO A 339 -0.96 -3.66 11.62
C PRO A 339 -0.56 -2.18 11.44
N SER A 340 0.58 -1.79 11.99
CA SER A 340 1.11 -0.40 11.94
C SER A 340 1.44 -0.02 10.49
N LEU A 341 2.12 -0.90 9.76
CA LEU A 341 2.47 -0.67 8.33
C LEU A 341 1.18 -0.39 7.56
N LEU A 342 0.15 -1.21 7.75
CA LEU A 342 -1.14 -1.06 7.01
C LEU A 342 -1.78 0.28 7.39
N PHE A 343 -1.73 0.68 8.67
CA PHE A 343 -2.29 1.96 9.14
C PHE A 343 -1.58 3.13 8.43
N TYR A 344 -0.26 3.15 8.48
CA TYR A 344 0.58 4.25 7.92
C TYR A 344 0.48 4.26 6.38
N LEU A 345 0.43 3.08 5.75
CA LEU A 345 0.19 2.95 4.29
C LEU A 345 -1.17 3.57 3.95
N ASN A 346 -2.22 3.14 4.66
CA ASN A 346 -3.60 3.67 4.53
C ASN A 346 -3.57 5.19 4.72
N SER A 347 -3.00 5.66 5.83
CA SER A 347 -2.89 7.10 6.20
C SER A 347 -2.25 7.89 5.06
N TRP A 348 -1.24 7.31 4.39
CA TRP A 348 -0.51 7.98 3.29
C TRP A 348 -1.40 8.11 2.04
N ILE A 349 -2.13 7.04 1.70
CA ILE A 349 -2.99 6.97 0.47
C ILE A 349 -4.08 8.04 0.59
N TYR A 350 -4.76 8.12 1.74
CA TYR A 350 -5.89 9.05 2.01
C TYR A 350 -5.40 10.23 2.85
N ARG A 351 -5.06 11.35 2.20
CA ARG A 351 -4.61 12.60 2.87
C ARG A 351 -5.02 13.81 2.03
N LYS B 5 21.67 -1.31 13.39
CA LYS B 5 20.24 -1.37 13.80
C LYS B 5 19.37 -0.59 12.79
N VAL B 6 19.80 -0.49 11.53
CA VAL B 6 19.00 0.11 10.42
C VAL B 6 18.00 -0.94 9.94
N PRO B 7 16.71 -0.59 9.73
CA PRO B 7 15.72 -1.56 9.26
C PRO B 7 16.02 -2.07 7.85
N THR B 8 16.13 -3.39 7.68
CA THR B 8 16.47 -4.07 6.39
C THR B 8 15.37 -5.04 5.96
N GLN B 9 14.61 -5.60 6.90
CA GLN B 9 13.48 -6.53 6.59
C GLN B 9 12.31 -5.72 6.03
N PRO B 10 11.57 -6.26 5.04
CA PRO B 10 10.62 -5.47 4.25
C PRO B 10 9.56 -4.73 5.08
N ILE B 11 8.94 -5.40 6.06
CA ILE B 11 7.82 -4.82 6.85
C ILE B 11 8.29 -3.63 7.67
N PRO B 12 9.33 -3.74 8.53
CA PRO B 12 9.79 -2.58 9.30
C PRO B 12 10.32 -1.45 8.40
N LEU B 13 11.11 -1.80 7.37
CA LEU B 13 11.59 -0.82 6.37
C LEU B 13 10.38 -0.06 5.81
N MET B 14 9.40 -0.75 5.25
CA MET B 14 8.24 -0.11 4.61
C MET B 14 7.46 0.71 5.65
N MET B 15 7.34 0.20 6.87
CA MET B 15 6.56 0.90 7.92
C MET B 15 7.24 2.24 8.21
N ASN B 16 8.57 2.25 8.38
CA ASN B 16 9.37 3.48 8.64
C ASN B 16 9.21 4.46 7.46
N ILE B 17 9.24 3.97 6.22
CA ILE B 17 9.06 4.84 5.02
C ILE B 17 7.71 5.55 5.11
N PHE B 18 6.63 4.84 5.42
CA PHE B 18 5.25 5.40 5.44
C PHE B 18 5.00 6.20 6.74
N ARG B 19 5.57 5.77 7.86
CA ARG B 19 5.41 6.50 9.15
C ARG B 19 6.32 7.73 9.19
N ASP B 20 7.61 7.57 8.88
CA ASP B 20 8.67 8.57 9.20
C ASP B 20 9.06 9.36 7.94
N VAL B 21 9.46 8.67 6.87
CA VAL B 21 10.07 9.34 5.69
C VAL B 21 9.02 10.18 4.98
N LEU B 22 7.95 9.57 4.48
CA LEU B 22 7.01 10.28 3.57
C LEU B 22 6.34 11.45 4.29
N PRO B 23 5.86 11.32 5.55
CA PRO B 23 5.26 12.47 6.23
C PRO B 23 6.25 13.63 6.48
N THR B 24 7.49 13.33 6.84
CA THR B 24 8.56 14.32 7.09
C THR B 24 8.90 15.05 5.77
N VAL B 25 9.07 14.31 4.67
CA VAL B 25 9.35 14.88 3.31
C VAL B 25 8.19 15.82 2.94
N HIS B 26 6.95 15.32 3.06
CA HIS B 26 5.70 16.04 2.70
C HIS B 26 5.63 17.39 3.45
N ARG B 27 6.04 17.41 4.72
CA ARG B 27 5.99 18.60 5.61
C ARG B 27 6.94 19.68 5.06
N TYR B 28 8.20 19.34 4.84
CA TYR B 28 9.25 20.28 4.36
C TYR B 28 8.90 20.69 2.92
N TYR B 29 8.46 19.73 2.11
CA TYR B 29 8.11 19.98 0.68
C TYR B 29 6.97 21.00 0.60
N ASP B 30 5.95 20.84 1.44
CA ASP B 30 4.78 21.75 1.53
C ASP B 30 5.24 23.17 1.89
N GLN B 31 6.23 23.28 2.78
CA GLN B 31 6.77 24.60 3.21
C GLN B 31 7.47 25.26 2.03
N TRP B 32 8.13 24.47 1.16
CA TRP B 32 8.79 25.00 -0.06
C TRP B 32 7.72 25.44 -1.07
N LYS B 33 6.61 24.70 -1.16
CA LYS B 33 5.47 25.06 -2.06
C LYS B 33 4.98 26.47 -1.71
N GLU B 34 4.76 26.73 -0.42
CA GLU B 34 4.22 28.02 0.08
C GLU B 34 5.27 29.11 -0.18
N ARG B 35 6.54 28.81 0.05
CA ARG B 35 7.66 29.75 -0.22
C ARG B 35 7.68 30.13 -1.71
N ALA B 36 7.49 29.16 -2.60
CA ALA B 36 7.54 29.34 -4.08
C ALA B 36 6.43 30.31 -4.54
N LYS B 37 5.27 30.29 -3.89
N LYS B 37 5.27 30.30 -3.88
CA LYS B 37 4.12 31.17 -4.24
CA LYS B 37 4.11 31.17 -4.21
C LYS B 37 4.52 32.65 -4.11
C LYS B 37 4.52 32.65 -4.10
N SER B 38 5.52 32.97 -3.27
CA SER B 38 6.02 34.37 -3.05
C SER B 38 7.04 34.81 -4.11
N ILE B 39 7.47 33.92 -5.01
CA ILE B 39 8.36 34.29 -6.15
C ILE B 39 7.70 35.39 -6.98
N PRO B 40 8.31 36.60 -7.03
CA PRO B 40 7.73 37.74 -7.74
C PRO B 40 7.60 37.55 -9.25
N ASP B 41 8.66 37.09 -9.91
CA ASP B 41 8.64 36.94 -11.39
C ASP B 41 7.61 35.89 -11.77
N PRO B 42 6.58 36.24 -12.58
CA PRO B 42 5.52 35.31 -12.96
C PRO B 42 6.02 34.00 -13.58
N GLU B 43 7.05 34.06 -14.42
CA GLU B 43 7.57 32.92 -15.20
C GLU B 43 8.38 32.01 -14.26
N LEU B 44 9.28 32.59 -13.45
CA LEU B 44 10.05 31.84 -12.43
C LEU B 44 9.06 31.16 -11.49
N ARG B 45 8.01 31.87 -11.09
CA ARG B 45 7.00 31.35 -10.13
C ARG B 45 6.31 30.15 -10.78
N ALA B 46 5.87 30.29 -12.03
CA ALA B 46 5.15 29.26 -12.80
C ALA B 46 6.02 28.00 -12.89
N GLN B 47 7.31 28.17 -13.20
CA GLN B 47 8.27 27.05 -13.32
C GLN B 47 8.55 26.41 -11.95
N ALA B 48 8.74 27.20 -10.89
CA ALA B 48 8.98 26.69 -9.52
C ALA B 48 7.82 25.80 -9.09
N LEU B 49 6.58 26.29 -9.28
CA LEU B 49 5.35 25.61 -8.81
C LEU B 49 5.11 24.36 -9.66
N ASP B 50 5.38 24.42 -10.96
CA ASP B 50 5.23 23.26 -11.89
C ASP B 50 6.18 22.12 -11.46
N ALA B 51 7.47 22.44 -11.27
CA ALA B 51 8.48 21.48 -10.78
C ALA B 51 7.97 20.85 -9.48
N LEU B 52 7.56 21.69 -8.52
CA LEU B 52 7.05 21.23 -7.19
C LEU B 52 5.82 20.34 -7.36
N GLU B 53 4.90 20.72 -8.25
CA GLU B 53 3.63 19.96 -8.50
C GLU B 53 3.95 18.57 -9.05
N ARG B 54 4.91 18.47 -10.00
CA ARG B 54 5.11 17.25 -10.83
C ARG B 54 6.17 16.32 -10.24
N LYS B 55 7.12 16.81 -9.44
CA LYS B 55 8.37 16.07 -9.15
C LYS B 55 8.53 15.73 -7.67
N GLU B 56 7.43 15.71 -6.90
CA GLU B 56 7.48 15.41 -5.44
C GLU B 56 8.06 14.00 -5.22
N PHE B 57 7.83 13.08 -6.15
CA PHE B 57 8.30 11.67 -6.01
C PHE B 57 9.83 11.62 -5.88
N HIS B 58 10.57 12.56 -6.48
CA HIS B 58 12.06 12.61 -6.38
C HIS B 58 12.49 12.79 -4.91
N CYS B 59 11.78 13.67 -4.20
CA CYS B 59 12.04 13.98 -2.78
C CYS B 59 11.56 12.83 -1.88
N GLU B 60 10.41 12.23 -2.22
CA GLU B 60 9.85 11.08 -1.44
C GLU B 60 10.88 9.96 -1.47
N GLY B 61 11.39 9.64 -2.66
CA GLY B 61 12.44 8.63 -2.90
C GLY B 61 13.73 8.99 -2.18
N GLY B 62 14.26 10.21 -2.42
CA GLY B 62 15.55 10.63 -1.83
C GLY B 62 15.53 10.60 -0.31
N GLY B 63 14.40 10.96 0.30
CA GLY B 63 14.27 11.06 1.77
C GLY B 63 14.47 9.73 2.49
N ILE B 64 14.26 8.60 1.81
CA ILE B 64 14.43 7.24 2.38
C ILE B 64 15.84 7.10 2.98
N TYR B 65 16.82 7.86 2.49
CA TYR B 65 18.21 7.86 3.02
C TYR B 65 18.25 8.34 4.48
N GLY B 66 17.28 9.14 4.92
CA GLY B 66 17.08 9.52 6.33
C GLY B 66 17.22 8.34 7.27
N LEU B 67 16.75 7.16 6.87
CA LEU B 67 16.68 5.95 7.74
C LEU B 67 18.09 5.42 8.07
N LEU B 68 19.11 5.83 7.31
CA LEU B 68 20.54 5.48 7.57
C LEU B 68 21.14 6.44 8.59
N ALA B 69 20.50 7.57 8.87
CA ALA B 69 21.03 8.63 9.76
C ALA B 69 19.92 9.11 10.71
N ARG B 70 19.37 8.19 11.50
CA ARG B 70 18.23 8.43 12.43
C ARG B 70 18.53 9.63 13.35
N ASP B 71 19.75 9.75 13.85
CA ASP B 71 20.21 10.86 14.73
C ASP B 71 20.00 12.23 14.06
N ARG B 72 20.14 12.29 12.73
N ARG B 72 20.16 12.32 12.74
CA ARG B 72 20.12 13.54 11.91
CA ARG B 72 20.05 13.60 11.99
C ARG B 72 18.94 13.51 10.92
C ARG B 72 18.97 13.46 10.91
N PHE B 73 17.89 12.75 11.22
CA PHE B 73 16.79 12.39 10.28
C PHE B 73 16.21 13.64 9.61
N ASP B 74 15.68 14.57 10.41
CA ASP B 74 15.01 15.79 9.93
C ASP B 74 15.97 16.65 9.10
N GLU B 75 17.23 16.78 9.53
CA GLU B 75 18.23 17.69 8.92
C GLU B 75 18.66 17.10 7.57
N LEU B 76 18.97 15.81 7.54
CA LEU B 76 19.39 15.10 6.31
C LEU B 76 18.28 15.20 5.27
N ILE B 77 17.03 14.97 5.68
CA ILE B 77 15.86 15.07 4.77
C ILE B 77 15.69 16.52 4.28
N GLN B 78 15.94 17.53 5.13
CA GLN B 78 15.81 18.94 4.70
C GLN B 78 16.86 19.23 3.63
N PHE B 79 18.07 18.71 3.79
CA PHE B 79 19.17 18.86 2.80
C PHE B 79 18.75 18.22 1.48
N ILE B 80 18.31 16.96 1.54
CA ILE B 80 17.97 16.16 0.33
C ILE B 80 16.85 16.87 -0.43
N ILE B 81 15.81 17.31 0.28
CA ILE B 81 14.61 17.97 -0.31
C ILE B 81 15.03 19.28 -0.96
N ALA B 82 15.83 20.11 -0.28
CA ALA B 82 16.26 21.42 -0.79
C ALA B 82 17.09 21.19 -2.05
N TYR B 83 18.02 20.23 -2.02
CA TYR B 83 18.91 19.96 -3.18
C TYR B 83 18.06 19.47 -4.36
N GLN B 84 17.14 18.54 -4.12
CA GLN B 84 16.32 17.91 -5.18
C GLN B 84 15.35 18.95 -5.75
N ILE B 85 14.72 19.76 -4.89
CA ILE B 85 13.83 20.87 -5.34
C ILE B 85 14.65 21.76 -6.27
N MET B 86 15.86 22.12 -5.87
CA MET B 86 16.75 22.97 -6.71
C MET B 86 16.96 22.28 -8.06
N CYS B 87 17.33 20.99 -8.06
CA CYS B 87 17.58 20.22 -9.30
C CYS B 87 16.36 20.27 -10.21
N ASP B 88 15.16 20.05 -9.67
CA ASP B 88 13.92 19.95 -10.51
C ASP B 88 13.50 21.34 -10.98
N TYR B 89 13.74 22.37 -10.16
CA TYR B 89 13.46 23.78 -10.53
C TYR B 89 14.36 24.17 -11.72
N LEU B 90 15.67 24.02 -11.54
CA LEU B 90 16.69 24.37 -12.57
C LEU B 90 16.40 23.59 -13.87
N ASP B 91 16.07 22.31 -13.75
CA ASP B 91 15.68 21.47 -14.91
C ASP B 91 14.56 22.16 -15.68
N ASN B 92 13.48 22.56 -15.00
CA ASN B 92 12.34 23.30 -15.60
C ASN B 92 12.82 24.59 -16.29
N LEU B 93 13.66 25.39 -15.62
CA LEU B 93 14.13 26.70 -16.17
C LEU B 93 14.90 26.47 -17.48
N CYS B 94 15.67 25.39 -17.56
CA CYS B 94 16.51 25.04 -18.73
C CYS B 94 15.60 24.47 -19.82
N ASP B 95 14.63 23.63 -19.46
CA ASP B 95 13.67 23.01 -20.41
C ASP B 95 12.85 24.08 -21.12
N GLN B 96 12.42 25.13 -20.40
CA GLN B 96 11.38 26.09 -20.86
C GLN B 96 12.02 27.42 -21.28
N SER B 97 13.36 27.49 -21.33
CA SER B 97 14.11 28.66 -21.86
C SER B 97 13.78 28.82 -23.35
N ASP B 98 13.46 30.04 -23.77
CA ASP B 98 13.24 30.37 -25.20
C ASP B 98 14.58 30.68 -25.88
N TYR B 99 15.65 30.92 -25.11
CA TYR B 99 16.95 31.41 -25.64
C TYR B 99 18.02 30.29 -25.69
N LEU B 100 17.87 29.21 -24.90
CA LEU B 100 18.77 28.02 -24.92
C LEU B 100 20.24 28.44 -24.78
N ASP B 101 20.53 29.38 -23.87
CA ASP B 101 21.88 29.92 -23.62
C ASP B 101 22.62 29.04 -22.61
N PRO B 102 23.69 28.34 -23.01
CA PRO B 102 24.46 27.50 -22.08
C PRO B 102 25.10 28.28 -20.92
N LYS B 103 25.34 29.59 -21.09
CA LYS B 103 25.85 30.45 -20.00
C LYS B 103 24.79 30.49 -18.89
N ASP B 104 23.53 30.58 -19.28
CA ASP B 104 22.38 30.60 -18.34
C ASP B 104 22.32 29.26 -17.64
N PHE B 105 22.35 28.17 -18.40
CA PHE B 105 22.25 26.78 -17.88
C PHE B 105 23.37 26.54 -16.88
N ARG B 106 24.58 27.00 -17.22
CA ARG B 106 25.77 26.77 -16.38
C ARG B 106 25.62 27.57 -15.11
N SER B 107 25.25 28.85 -15.24
CA SER B 107 25.10 29.78 -14.10
C SER B 107 24.06 29.21 -13.12
N LEU B 108 22.92 28.77 -13.63
CA LEU B 108 21.84 28.15 -12.81
C LEU B 108 22.41 26.93 -12.06
N HIS B 109 23.11 26.03 -12.74
CA HIS B 109 23.56 24.76 -12.10
C HIS B 109 24.73 25.04 -11.16
N ASN B 110 25.34 26.22 -11.23
CA ASN B 110 26.40 26.62 -10.26
C ASN B 110 25.78 26.78 -8.86
N ALA B 111 24.47 27.00 -8.77
CA ALA B 111 23.73 27.04 -7.49
C ALA B 111 23.95 25.71 -6.73
N LEU B 112 23.95 24.59 -7.44
CA LEU B 112 24.13 23.25 -6.80
C LEU B 112 25.52 23.21 -6.15
N LEU B 113 26.54 23.71 -6.84
CA LEU B 113 27.93 23.73 -6.29
C LEU B 113 27.97 24.63 -5.05
N ALA B 114 27.28 25.78 -5.06
CA ALA B 114 27.24 26.73 -3.93
C ALA B 114 26.57 26.05 -2.73
N ALA B 115 25.52 25.27 -2.99
CA ALA B 115 24.75 24.51 -1.97
C ALA B 115 25.68 23.56 -1.23
N LEU B 116 26.74 23.08 -1.89
CA LEU B 116 27.70 22.10 -1.34
C LEU B 116 28.99 22.80 -0.88
N THR B 117 28.99 24.13 -0.81
CA THR B 117 30.18 24.95 -0.45
C THR B 117 29.77 25.98 0.59
N PRO B 118 29.58 25.55 1.85
CA PRO B 118 29.29 26.48 2.94
C PRO B 118 30.34 27.59 3.04
N GLY B 119 29.90 28.79 3.41
CA GLY B 119 30.76 29.99 3.61
C GLY B 119 31.21 30.61 2.29
N GLU B 120 30.62 30.19 1.17
CA GLU B 120 30.90 30.77 -0.18
C GLU B 120 29.89 31.89 -0.42
N PRO B 121 30.31 33.09 -0.86
CA PRO B 121 29.38 34.15 -1.24
C PRO B 121 28.61 33.74 -2.51
N LEU B 122 27.36 34.17 -2.64
CA LEU B 122 26.45 33.76 -3.74
C LEU B 122 26.40 34.81 -4.84
N VAL B 123 26.24 34.37 -6.09
CA VAL B 123 26.05 35.26 -7.27
C VAL B 123 24.56 35.34 -7.60
N ASN B 124 24.21 36.22 -8.53
CA ASN B 124 22.92 36.23 -9.24
C ASN B 124 22.94 35.08 -10.26
N TYR B 125 22.39 33.92 -9.90
CA TYR B 125 22.41 32.70 -10.75
C TYR B 125 21.61 32.93 -12.04
N TYR B 126 20.71 33.92 -12.02
CA TYR B 126 19.85 34.27 -13.18
C TYR B 126 20.49 35.34 -14.07
N GLN B 127 21.77 35.66 -13.82
CA GLN B 127 22.49 36.82 -14.43
C GLN B 127 22.51 36.76 -15.96
N TYR B 128 22.34 35.59 -16.59
CA TYR B 128 22.44 35.46 -18.06
C TYR B 128 21.06 35.40 -18.71
N ARG B 129 19.96 35.54 -17.95
CA ARG B 129 18.60 35.46 -18.52
C ARG B 129 17.79 36.70 -18.14
N ILE B 130 16.65 36.89 -18.81
CA ILE B 130 15.72 38.04 -18.62
C ILE B 130 15.12 37.97 -17.21
N GLU B 131 14.56 36.82 -16.82
CA GLU B 131 13.82 36.69 -15.54
C GLU B 131 14.82 36.49 -14.40
N GLN B 132 14.86 37.41 -13.44
CA GLN B 132 15.87 37.39 -12.36
C GLN B 132 15.27 37.58 -10.97
N GLU B 133 14.01 38.05 -10.84
CA GLU B 133 13.43 38.44 -9.52
C GLU B 133 12.69 37.24 -8.91
N ASP B 134 13.40 36.43 -8.10
CA ASP B 134 12.86 35.19 -7.49
C ASP B 134 12.64 35.41 -5.99
N GLY B 135 12.94 36.62 -5.49
CA GLY B 135 12.78 37.05 -4.09
C GLY B 135 13.61 36.21 -3.13
N GLY B 136 14.72 35.64 -3.59
CA GLY B 136 15.65 34.86 -2.74
C GLY B 136 15.34 33.38 -2.71
N TYR B 137 14.37 32.89 -3.50
CA TYR B 137 13.95 31.46 -3.54
C TYR B 137 15.19 30.57 -3.67
N LEU B 138 15.99 30.82 -4.69
CA LEU B 138 17.16 29.95 -5.03
C LEU B 138 18.24 30.14 -3.96
N HIS B 139 18.51 31.37 -3.52
CA HIS B 139 19.45 31.65 -2.42
C HIS B 139 19.03 30.89 -1.15
N GLU B 140 17.74 30.84 -0.83
CA GLU B 140 17.26 30.15 0.39
C GLU B 140 17.41 28.63 0.25
N LEU B 141 17.19 28.07 -0.94
CA LEU B 141 17.45 26.63 -1.16
C LEU B 141 18.95 26.36 -0.94
N ILE B 142 19.81 27.18 -1.52
CA ILE B 142 21.29 27.04 -1.37
C ILE B 142 21.66 27.11 0.11
N GLU B 143 21.23 28.19 0.79
CA GLU B 143 21.57 28.49 2.21
C GLU B 143 21.05 27.36 3.09
N THR B 144 19.89 26.77 2.76
CA THR B 144 19.33 25.62 3.52
C THR B 144 20.35 24.48 3.50
N CYS B 145 20.87 24.15 2.32
CA CYS B 145 21.86 23.05 2.15
C CYS B 145 23.16 23.41 2.90
N GLN B 146 23.64 24.64 2.75
CA GLN B 146 24.94 25.09 3.34
C GLN B 146 24.87 24.94 4.86
N HIS B 147 23.76 25.38 5.47
CA HIS B 147 23.55 25.46 6.94
C HIS B 147 23.41 24.06 7.51
N ILE B 148 22.80 23.13 6.77
CA ILE B 148 22.70 21.72 7.23
C ILE B 148 24.06 21.02 7.09
N LEU B 149 24.75 21.16 5.95
CA LEU B 149 25.95 20.32 5.70
C LEU B 149 27.06 20.65 6.72
N VAL B 150 27.21 21.92 7.12
CA VAL B 150 28.26 22.34 8.10
C VAL B 150 28.07 21.61 9.43
N THR B 151 26.85 21.19 9.78
CA THR B 151 26.55 20.54 11.09
C THR B 151 26.91 19.04 11.04
N PHE B 152 27.22 18.50 9.86
CA PHE B 152 27.54 17.06 9.67
C PHE B 152 29.02 16.86 9.98
N PRO B 153 29.37 16.05 11.00
CA PRO B 153 30.74 15.98 11.50
C PRO B 153 31.77 15.49 10.46
N SER B 154 31.32 14.76 9.43
CA SER B 154 32.22 14.20 8.38
C SER B 154 31.93 14.81 7.01
N PHE B 155 31.23 15.95 6.93
CA PHE B 155 30.97 16.67 5.65
C PHE B 155 32.30 16.99 4.95
N ARG B 156 33.30 17.50 5.67
CA ARG B 156 34.58 17.93 5.05
C ARG B 156 35.21 16.79 4.25
N MET B 157 35.08 15.54 4.73
CA MET B 157 35.69 14.35 4.10
C MET B 157 34.95 13.96 2.82
N VAL B 158 33.65 14.24 2.70
CA VAL B 158 32.84 13.82 1.51
C VAL B 158 32.64 15.01 0.55
N GLN B 159 32.94 16.24 0.98
CA GLN B 159 32.59 17.46 0.22
C GLN B 159 33.18 17.37 -1.20
N GLU B 160 34.46 17.03 -1.35
CA GLU B 160 35.12 16.95 -2.69
C GLU B 160 34.36 15.98 -3.60
N ASN B 161 34.07 14.77 -3.12
CA ASN B 161 33.32 13.73 -3.89
C ASN B 161 31.92 14.26 -4.26
N MET B 162 31.23 14.91 -3.33
CA MET B 162 29.88 15.48 -3.59
C MET B 162 29.99 16.52 -4.70
N LEU B 163 31.00 17.40 -4.61
CA LEU B 163 31.19 18.48 -5.60
C LEU B 163 31.53 17.86 -6.95
N GLU B 164 32.24 16.73 -6.98
CA GLU B 164 32.59 16.02 -8.23
C GLU B 164 31.28 15.58 -8.91
N LEU B 165 30.39 14.94 -8.17
CA LEU B 165 29.12 14.38 -8.73
C LEU B 165 28.21 15.54 -9.15
N SER B 166 28.15 16.60 -8.35
CA SER B 166 27.36 17.83 -8.61
C SER B 166 27.88 18.53 -9.87
N GLN B 167 29.20 18.62 -10.05
CA GLN B 167 29.82 19.25 -11.24
C GLN B 167 29.39 18.47 -12.50
N LEU B 168 29.50 17.14 -12.48
CA LEU B 168 29.19 16.30 -13.68
C LEU B 168 27.70 16.41 -13.99
N TYR B 169 26.86 16.42 -12.96
CA TYR B 169 25.41 16.61 -13.09
C TYR B 169 25.12 17.95 -13.76
N GLY B 170 25.74 19.03 -13.26
CA GLY B 170 25.61 20.38 -13.84
C GLY B 170 26.06 20.39 -15.30
N ASP B 171 27.20 19.75 -15.58
CA ASP B 171 27.76 19.67 -16.95
C ASP B 171 26.71 19.05 -17.86
N LEU B 172 26.13 17.91 -17.45
CA LEU B 172 25.11 17.18 -18.25
C LEU B 172 23.93 18.12 -18.55
N GLN B 173 23.43 18.82 -17.54
CA GLN B 173 22.22 19.69 -17.69
C GLN B 173 22.57 20.79 -18.69
N VAL B 174 23.78 21.33 -18.64
CA VAL B 174 24.21 22.41 -19.58
C VAL B 174 24.17 21.82 -21.00
N HIS B 175 24.91 20.74 -21.25
CA HIS B 175 25.12 20.19 -22.61
C HIS B 175 23.80 19.67 -23.19
N LYS B 176 22.90 19.12 -22.37
CA LYS B 176 21.73 18.40 -22.94
C LYS B 176 20.61 19.39 -23.27
N HIS B 177 20.64 20.63 -22.76
CA HIS B 177 19.52 21.60 -22.91
C HIS B 177 19.79 22.62 -24.02
N VAL B 178 21.01 22.67 -24.57
CA VAL B 178 21.32 23.61 -25.69
C VAL B 178 20.50 23.21 -26.93
N VAL B 179 20.58 24.02 -27.98
CA VAL B 179 19.92 23.72 -29.28
C VAL B 179 20.33 22.30 -29.72
N LYS B 180 19.38 21.57 -30.31
CA LYS B 180 19.48 20.12 -30.66
C LYS B 180 20.85 19.81 -31.27
N GLU B 181 21.32 20.64 -32.20
CA GLU B 181 22.49 20.34 -33.06
C GLU B 181 23.80 20.49 -32.27
N GLU B 182 23.80 21.12 -31.10
CA GLU B 182 25.04 21.32 -30.31
C GLU B 182 25.13 20.32 -29.15
N ARG B 183 24.07 19.57 -28.88
CA ARG B 183 24.00 18.66 -27.70
C ARG B 183 25.06 17.56 -27.80
N ILE B 184 25.06 16.77 -28.88
CA ILE B 184 25.93 15.55 -28.96
C ILE B 184 27.39 15.98 -29.05
N PRO B 185 27.77 16.96 -29.91
CA PRO B 185 29.15 17.46 -29.92
C PRO B 185 29.64 17.89 -28.54
N ARG B 186 28.83 18.63 -27.78
CA ARG B 186 29.20 19.06 -26.40
C ARG B 186 29.36 17.81 -25.53
N LEU B 187 28.40 16.90 -25.58
CA LEU B 187 28.40 15.70 -24.71
C LEU B 187 29.60 14.81 -25.04
N GLU B 188 29.99 14.68 -26.31
CA GLU B 188 31.14 13.83 -26.71
C GLU B 188 32.46 14.46 -26.24
N ALA B 189 32.65 15.76 -26.47
CA ALA B 189 33.86 16.51 -26.04
C ALA B 189 34.01 16.39 -24.52
N TRP B 190 32.90 16.55 -23.80
CA TRP B 190 32.84 16.48 -22.31
C TRP B 190 33.24 15.08 -21.87
N PHE B 191 32.61 14.03 -22.41
CA PHE B 191 32.96 12.62 -22.09
C PHE B 191 34.45 12.39 -22.37
N ASN B 192 34.94 12.89 -23.51
CA ASN B 192 36.35 12.71 -23.92
C ASN B 192 37.30 13.30 -22.86
N GLU B 193 36.91 14.38 -22.16
CA GLU B 193 37.69 14.96 -21.02
C GLU B 193 37.77 13.97 -19.85
N HIS B 194 36.72 13.17 -19.61
CA HIS B 194 36.59 12.31 -18.41
C HIS B 194 36.84 10.83 -18.77
N LYS B 195 36.93 10.51 -20.05
CA LYS B 195 36.97 9.12 -20.60
C LYS B 195 38.01 8.28 -19.85
N GLU B 196 39.22 8.81 -19.66
CA GLU B 196 40.41 8.02 -19.22
C GLU B 196 40.29 7.67 -17.74
N LYS B 197 39.47 8.41 -16.96
CA LYS B 197 39.30 8.18 -15.49
C LYS B 197 38.03 7.37 -15.22
N MET B 198 37.28 6.98 -16.27
CA MET B 198 36.00 6.22 -16.16
C MET B 198 36.19 4.80 -16.67
N PRO B 199 35.42 3.82 -16.15
CA PRO B 199 35.33 2.52 -16.82
C PRO B 199 34.90 2.70 -18.27
N GLU B 200 35.21 1.71 -19.10
CA GLU B 200 34.88 1.67 -20.54
C GLU B 200 33.36 1.83 -20.69
N MET B 201 32.92 2.85 -21.42
CA MET B 201 31.49 3.11 -21.74
C MET B 201 31.42 4.13 -22.87
N THR B 202 30.23 4.35 -23.41
CA THR B 202 29.96 5.35 -24.48
C THR B 202 29.74 6.71 -23.83
N TRP B 203 29.81 7.78 -24.63
CA TRP B 203 29.46 9.17 -24.21
C TRP B 203 28.03 9.20 -23.65
N PHE B 204 27.09 8.43 -24.22
CA PHE B 204 25.65 8.47 -23.85
C PHE B 204 25.40 7.65 -22.57
N GLU B 205 26.14 6.56 -22.38
CA GLU B 205 26.16 5.78 -21.11
C GLU B 205 26.70 6.67 -20.00
N PHE B 206 27.78 7.40 -20.27
CA PHE B 206 28.42 8.34 -19.30
C PHE B 206 27.42 9.42 -18.92
N SER B 207 26.74 9.99 -19.91
CA SER B 207 25.70 11.03 -19.74
C SER B 207 24.64 10.53 -18.77
N ALA B 208 24.23 9.26 -18.90
CA ALA B 208 23.23 8.59 -18.04
C ALA B 208 23.78 8.54 -16.61
N CYS B 209 25.01 8.07 -16.45
CA CYS B 209 25.71 7.87 -15.14
C CYS B 209 25.77 9.16 -14.32
N THR B 210 25.81 10.34 -14.98
CA THR B 210 26.03 11.65 -14.30
C THR B 210 24.69 12.29 -13.93
N GLY B 211 23.56 11.74 -14.40
CA GLY B 211 22.25 12.40 -14.34
C GLY B 211 21.47 12.10 -13.06
N SER B 212 21.99 11.22 -12.19
CA SER B 212 21.29 10.86 -10.93
C SER B 212 21.83 11.72 -9.79
N THR B 213 21.05 11.90 -8.71
CA THR B 213 21.46 12.63 -7.48
C THR B 213 21.67 11.64 -6.31
N LEU B 214 21.56 10.33 -6.54
CA LEU B 214 21.65 9.31 -5.45
C LEU B 214 23.01 9.40 -4.75
N GLY B 215 24.09 9.56 -5.50
CA GLY B 215 25.45 9.61 -4.97
C GLY B 215 25.61 10.75 -3.97
N VAL B 216 25.13 11.93 -4.34
CA VAL B 216 25.16 13.14 -3.47
C VAL B 216 24.41 12.85 -2.16
N TYR B 217 23.22 12.27 -2.22
CA TYR B 217 22.39 12.00 -1.02
C TYR B 217 23.08 10.95 -0.13
N THR B 218 23.68 9.92 -0.73
CA THR B 218 24.37 8.84 0.00
C THR B 218 25.59 9.44 0.70
N LEU B 219 26.38 10.25 0.00
CA LEU B 219 27.58 10.91 0.58
C LEU B 219 27.12 11.80 1.75
N ALA B 220 26.09 12.62 1.54
CA ALA B 220 25.53 13.50 2.60
C ALA B 220 25.11 12.63 3.79
N THR B 221 24.50 11.46 3.53
CA THR B 221 24.04 10.53 4.59
C THR B 221 25.23 10.11 5.45
N TYR B 222 26.35 9.69 4.86
CA TYR B 222 27.51 9.17 5.61
C TYR B 222 28.35 10.32 6.19
N ALA B 223 28.11 11.56 5.74
CA ALA B 223 28.67 12.80 6.35
C ALA B 223 28.17 12.96 7.79
N THR B 224 27.02 12.38 8.12
CA THR B 224 26.44 12.46 9.49
C THR B 224 27.22 11.62 10.50
N LYS B 225 28.16 10.76 10.05
CA LYS B 225 28.98 9.85 10.90
C LYS B 225 30.24 10.56 11.42
N GLU B 226 30.66 10.22 12.63
CA GLU B 226 31.95 10.68 13.25
C GLU B 226 33.10 9.93 12.58
N GLY B 227 34.14 10.65 12.16
CA GLY B 227 35.47 10.08 11.82
C GLY B 227 35.45 9.24 10.54
N LEU B 228 34.59 9.58 9.57
CA LEU B 228 34.67 9.01 8.20
C LEU B 228 36.06 9.32 7.64
N THR B 229 36.74 8.33 7.08
CA THR B 229 38.08 8.50 6.45
C THR B 229 37.88 8.85 4.97
N SER B 230 38.93 9.33 4.31
CA SER B 230 38.94 9.62 2.84
C SER B 230 38.66 8.33 2.06
N GLU B 231 39.33 7.24 2.45
CA GLU B 231 39.14 5.87 1.90
C GLU B 231 37.64 5.54 1.82
N GLN B 232 36.95 5.63 2.96
CA GLN B 232 35.50 5.33 3.11
C GLN B 232 34.66 6.27 2.22
N ALA B 233 34.98 7.56 2.20
CA ALA B 233 34.24 8.56 1.37
C ALA B 233 34.35 8.15 -0.10
N ASP B 234 35.53 7.69 -0.53
CA ASP B 234 35.77 7.21 -1.91
C ASP B 234 35.00 5.90 -2.15
N VAL B 235 34.96 5.00 -1.16
CA VAL B 235 34.16 3.73 -1.27
C VAL B 235 32.68 4.08 -1.49
N ILE B 236 32.14 4.98 -0.66
CA ILE B 236 30.70 5.40 -0.73
C ILE B 236 30.42 6.01 -2.10
N LYS B 237 31.29 6.91 -2.57
CA LYS B 237 31.12 7.54 -3.91
C LYS B 237 31.03 6.43 -4.96
N ALA B 238 31.99 5.49 -4.94
CA ALA B 238 32.13 4.39 -5.93
C ALA B 238 30.97 3.40 -5.83
N GLY B 239 30.32 3.30 -4.66
CA GLY B 239 29.14 2.44 -4.43
C GLY B 239 27.96 2.83 -5.32
N TYR B 240 27.85 4.12 -5.68
CA TYR B 240 26.73 4.68 -6.47
C TYR B 240 27.19 5.15 -7.85
N PHE B 241 28.44 5.62 -7.96
CA PHE B 241 28.96 6.22 -9.22
C PHE B 241 30.08 5.34 -9.77
N PRO B 242 30.03 4.94 -11.05
CA PRO B 242 28.97 5.36 -11.97
C PRO B 242 27.75 4.43 -12.19
N TRP B 243 27.83 3.17 -11.75
CA TRP B 243 26.96 2.04 -12.18
C TRP B 243 25.52 2.20 -11.70
N VAL B 244 25.32 2.50 -10.42
CA VAL B 244 23.97 2.63 -9.81
C VAL B 244 23.27 3.84 -10.45
N GLN B 245 23.96 4.97 -10.55
CA GLN B 245 23.39 6.21 -11.15
C GLN B 245 23.06 5.93 -12.62
N GLY B 246 23.93 5.16 -13.29
CA GLY B 246 23.73 4.74 -14.69
C GLY B 246 22.46 3.93 -14.84
N VAL B 247 22.25 2.92 -13.99
CA VAL B 247 21.05 2.05 -14.07
C VAL B 247 19.81 2.94 -13.88
N HIS B 248 19.88 3.86 -12.91
CA HIS B 248 18.75 4.76 -12.56
C HIS B 248 18.31 5.52 -13.82
N LEU B 249 19.23 6.19 -14.51
CA LEU B 249 18.86 7.04 -15.67
C LEU B 249 18.58 6.17 -16.91
N LEU B 250 19.32 5.09 -17.16
CA LEU B 250 19.03 4.21 -18.33
C LEU B 250 17.61 3.66 -18.20
N LEU B 251 17.18 3.32 -16.98
CA LEU B 251 15.82 2.81 -16.68
C LEU B 251 14.79 3.93 -16.92
N ASP B 252 15.09 5.15 -16.45
CA ASP B 252 14.21 6.33 -16.69
C ASP B 252 14.01 6.51 -18.20
N TYR B 253 15.09 6.49 -18.97
CA TYR B 253 15.08 6.67 -20.45
C TYR B 253 14.29 5.52 -21.09
N PHE B 254 14.45 4.30 -20.57
CA PHE B 254 13.79 3.07 -21.09
C PHE B 254 12.27 3.25 -21.09
N ILE B 255 11.75 3.66 -19.94
CA ILE B 255 10.30 3.81 -19.64
C ILE B 255 9.70 4.94 -20.48
N ASP B 256 10.48 5.98 -20.78
CA ASP B 256 9.99 7.23 -21.43
C ASP B 256 10.17 7.17 -22.95
N GLN B 257 10.67 6.05 -23.48
CA GLN B 257 10.96 5.86 -24.92
C GLN B 257 9.82 6.41 -25.79
N GLU B 258 8.61 5.85 -25.67
CA GLU B 258 7.44 6.19 -26.51
C GLU B 258 7.14 7.69 -26.39
N GLU B 259 7.14 8.21 -25.15
CA GLU B 259 6.96 9.64 -24.83
C GLU B 259 8.00 10.47 -25.61
N ASP B 260 9.28 10.10 -25.51
CA ASP B 260 10.44 10.86 -26.05
C ASP B 260 10.47 10.79 -27.59
N ILE B 261 10.06 9.65 -28.16
CA ILE B 261 9.90 9.47 -29.64
C ILE B 261 8.95 10.55 -30.19
N ALA B 262 7.74 10.64 -29.62
CA ALA B 262 6.61 11.46 -30.13
C ALA B 262 6.77 12.95 -29.77
N ASP B 263 7.47 13.26 -28.67
CA ASP B 263 7.79 14.66 -28.24
C ASP B 263 9.20 15.03 -28.72
N ASP B 264 9.83 14.17 -29.53
CA ASP B 264 11.24 14.27 -30.01
C ASP B 264 12.15 14.84 -28.90
N GLU B 265 12.09 14.23 -27.71
CA GLU B 265 12.96 14.57 -26.55
C GLU B 265 14.25 13.75 -26.66
N LEU B 266 15.36 14.25 -26.12
CA LEU B 266 16.69 13.56 -26.14
C LEU B 266 16.63 12.33 -25.24
N ASN B 267 17.04 11.17 -25.75
CA ASN B 267 16.98 9.87 -25.05
C ASN B 267 18.24 9.07 -25.40
N PHE B 268 19.10 8.82 -24.41
CA PHE B 268 20.47 8.29 -24.58
C PHE B 268 20.43 6.83 -25.06
N LEU B 269 19.33 6.10 -24.86
CA LEU B 269 19.20 4.69 -25.33
C LEU B 269 19.20 4.65 -26.87
N PHE B 270 18.73 5.70 -27.55
CA PHE B 270 18.53 5.71 -29.02
C PHE B 270 19.88 5.72 -29.75
N TYR B 271 21.00 5.84 -29.01
CA TYR B 271 22.36 5.94 -29.56
C TYR B 271 23.09 4.60 -29.45
N TYR B 272 22.46 3.57 -28.86
CA TYR B 272 22.91 2.17 -29.01
C TYR B 272 22.72 1.80 -30.48
N GLU B 273 23.59 0.94 -31.03
CA GLU B 273 23.52 0.58 -32.46
C GLU B 273 22.27 -0.27 -32.69
N ASN B 274 21.77 -0.94 -31.65
CA ASN B 274 20.49 -1.69 -31.71
C ASN B 274 19.99 -2.06 -30.31
N GLU B 275 18.77 -2.56 -30.23
CA GLU B 275 18.05 -2.98 -29.01
C GLU B 275 18.86 -4.04 -28.26
N GLU B 276 19.47 -4.99 -28.97
CA GLU B 276 20.15 -6.17 -28.36
C GLU B 276 21.34 -5.65 -27.54
N GLN B 277 22.08 -4.69 -28.10
CA GLN B 277 23.26 -4.06 -27.46
C GLN B 277 22.78 -3.25 -26.25
N MET B 278 21.69 -2.51 -26.41
CA MET B 278 21.09 -1.69 -25.32
C MET B 278 20.80 -2.62 -24.13
N ILE B 279 20.14 -3.74 -24.37
CA ILE B 279 19.75 -4.70 -23.30
C ILE B 279 21.01 -5.31 -22.69
N GLU B 280 21.95 -5.73 -23.54
CA GLU B 280 23.23 -6.37 -23.11
C GLU B 280 23.99 -5.44 -22.17
N ARG B 281 24.15 -4.16 -22.56
CA ARG B 281 24.86 -3.14 -21.76
C ARG B 281 24.09 -2.86 -20.46
N PHE B 282 22.76 -2.80 -20.52
CA PHE B 282 21.93 -2.56 -19.32
C PHE B 282 22.20 -3.67 -18.29
N GLN B 283 22.12 -4.94 -18.71
CA GLN B 283 22.39 -6.13 -17.86
C GLN B 283 23.77 -6.01 -17.19
N TYR B 284 24.77 -5.54 -17.94
CA TYR B 284 26.16 -5.33 -17.46
C TYR B 284 26.18 -4.24 -16.37
N PHE B 285 25.55 -3.09 -16.63
CA PHE B 285 25.37 -2.00 -15.64
C PHE B 285 24.73 -2.56 -14.37
N VAL B 286 23.68 -3.35 -14.53
CA VAL B 286 22.94 -3.95 -13.37
C VAL B 286 23.94 -4.77 -12.53
N GLN B 287 24.74 -5.63 -13.16
CA GLN B 287 25.72 -6.50 -12.45
C GLN B 287 26.73 -5.62 -11.72
N LYS B 288 27.34 -4.66 -12.41
CA LYS B 288 28.34 -3.74 -11.81
C LYS B 288 27.68 -2.95 -10.65
N ALA B 289 26.42 -2.55 -10.80
CA ALA B 289 25.65 -1.81 -9.77
C ALA B 289 25.45 -2.69 -8.53
N GLU B 290 25.00 -3.93 -8.71
CA GLU B 290 24.86 -4.91 -7.60
C GLU B 290 26.22 -5.06 -6.88
N GLU B 291 27.30 -5.18 -7.64
CA GLU B 291 28.68 -5.33 -7.12
C GLU B 291 29.06 -4.10 -6.30
N SER B 292 28.87 -2.89 -6.84
CA SER B 292 29.30 -1.64 -6.15
C SER B 292 28.45 -1.42 -4.89
N LEU B 293 27.15 -1.72 -4.94
CA LEU B 293 26.25 -1.57 -3.76
C LEU B 293 26.72 -2.51 -2.64
N SER B 294 27.26 -3.68 -2.99
CA SER B 294 27.64 -4.72 -2.00
C SER B 294 28.90 -4.29 -1.23
N THR B 295 29.63 -3.27 -1.71
CA THR B 295 30.85 -2.73 -1.06
C THR B 295 30.49 -1.73 0.03
N LEU B 296 29.21 -1.36 0.16
CA LEU B 296 28.78 -0.24 1.02
C LEU B 296 28.56 -0.72 2.44
N PRO B 297 28.65 0.17 3.44
CA PRO B 297 28.08 -0.09 4.77
C PRO B 297 26.56 -0.23 4.62
N ASP B 298 25.93 -1.05 5.45
CA ASP B 298 24.46 -1.26 5.44
C ASP B 298 24.05 -1.78 4.07
N PRO B 299 24.76 -2.79 3.48
CA PRO B 299 24.57 -3.16 2.07
C PRO B 299 23.18 -3.72 1.74
N LYS B 300 22.50 -4.32 2.71
CA LYS B 300 21.13 -4.86 2.55
C LYS B 300 20.15 -3.69 2.40
N PHE B 301 20.36 -2.62 3.15
CA PHE B 301 19.54 -1.39 3.04
C PHE B 301 19.65 -0.84 1.61
N HIS B 302 20.89 -0.58 1.17
CA HIS B 302 21.17 -0.03 -0.18
C HIS B 302 20.56 -0.95 -1.25
N ARG B 303 20.74 -2.26 -1.11
CA ARG B 303 20.19 -3.27 -2.07
C ARG B 303 18.65 -3.16 -2.11
N HIS B 304 18.00 -3.11 -0.95
CA HIS B 304 16.53 -3.03 -0.81
C HIS B 304 16.02 -1.72 -1.45
N ILE B 305 16.67 -0.58 -1.20
CA ILE B 305 16.21 0.74 -1.73
C ILE B 305 16.33 0.70 -3.25
N TRP B 306 17.47 0.22 -3.74
CA TRP B 306 17.77 0.12 -5.19
C TRP B 306 16.74 -0.77 -5.89
N ARG B 307 16.38 -1.92 -5.30
CA ARG B 307 15.40 -2.87 -5.89
C ARG B 307 14.00 -2.23 -5.86
N GLY B 308 13.68 -1.50 -4.79
CA GLY B 308 12.45 -0.72 -4.67
C GLY B 308 12.34 0.32 -5.78
N ILE B 309 13.40 1.10 -5.98
CA ILE B 309 13.46 2.14 -7.05
C ILE B 309 13.20 1.49 -8.41
N ILE B 310 13.87 0.38 -8.70
CA ILE B 310 13.72 -0.38 -9.99
C ILE B 310 12.28 -0.87 -10.12
N ALA B 311 11.74 -1.50 -9.07
CA ALA B 311 10.36 -2.05 -9.04
C ALA B 311 9.36 -0.93 -9.36
N ILE B 312 9.52 0.24 -8.73
CA ILE B 312 8.62 1.42 -8.92
C ILE B 312 8.69 1.87 -10.39
N TYR B 313 9.89 2.06 -10.93
CA TYR B 313 10.07 2.46 -12.34
C TYR B 313 9.34 1.47 -13.26
N LEU B 314 9.55 0.17 -13.08
CA LEU B 314 9.04 -0.87 -13.99
C LEU B 314 7.52 -1.05 -13.83
N SER B 315 6.96 -0.67 -12.68
CA SER B 315 5.50 -0.70 -12.40
C SER B 315 4.76 0.34 -13.24
N ASP B 316 5.46 1.30 -13.85
CA ASP B 316 4.82 2.36 -14.67
C ASP B 316 3.88 1.69 -15.67
N GLU B 317 2.71 2.28 -15.89
CA GLU B 317 1.74 1.79 -16.91
C GLU B 317 2.41 1.80 -18.30
N LYS B 318 3.36 2.71 -18.55
CA LYS B 318 4.13 2.78 -19.82
C LYS B 318 4.82 1.43 -20.10
N VAL B 319 5.21 0.69 -19.06
CA VAL B 319 5.85 -0.65 -19.21
C VAL B 319 4.76 -1.72 -19.19
N GLN B 320 3.94 -1.74 -18.14
CA GLN B 320 3.01 -2.86 -17.84
C GLN B 320 1.91 -2.98 -18.91
N LYS B 321 1.50 -1.89 -19.57
CA LYS B 321 0.43 -1.93 -20.60
C LYS B 321 1.03 -2.07 -22.01
N ASN B 322 2.36 -2.09 -22.14
CA ASN B 322 3.08 -2.18 -23.44
C ASN B 322 3.80 -3.53 -23.51
N LYS B 323 3.22 -4.49 -24.23
CA LYS B 323 3.67 -5.91 -24.33
C LYS B 323 5.17 -5.95 -24.67
N GLU B 324 5.57 -5.17 -25.68
CA GLU B 324 6.97 -5.10 -26.18
C GLU B 324 7.88 -4.60 -25.05
N LEU B 325 7.52 -3.50 -24.39
CA LEU B 325 8.39 -2.90 -23.33
C LEU B 325 8.44 -3.86 -22.15
N LYS B 326 7.33 -4.54 -21.86
CA LYS B 326 7.24 -5.52 -20.74
C LYS B 326 8.22 -6.66 -21.01
N LYS B 327 8.22 -7.24 -22.22
CA LYS B 327 9.18 -8.31 -22.65
C LYS B 327 10.62 -7.84 -22.39
N LYS B 328 10.98 -6.67 -22.93
CA LYS B 328 12.37 -6.14 -22.84
C LYS B 328 12.73 -5.87 -21.37
N SER B 329 11.78 -5.36 -20.57
CA SER B 329 12.02 -5.01 -19.14
C SER B 329 12.41 -6.27 -18.38
N LYS B 330 11.76 -7.40 -18.67
CA LYS B 330 11.97 -8.69 -17.96
C LYS B 330 13.31 -9.30 -18.36
N GLN B 331 13.74 -9.06 -19.59
CA GLN B 331 15.12 -9.35 -20.03
C GLN B 331 16.12 -8.49 -19.24
N MET B 332 15.81 -7.20 -19.07
CA MET B 332 16.79 -6.21 -18.56
C MET B 332 17.03 -6.45 -17.08
N ILE B 333 16.00 -6.82 -16.33
CA ILE B 333 16.17 -7.10 -14.88
C ILE B 333 15.09 -8.08 -14.41
N LYS B 334 15.50 -8.98 -13.52
CA LYS B 334 14.68 -10.07 -12.94
C LYS B 334 14.19 -9.57 -11.58
N MET B 335 12.92 -9.17 -11.51
CA MET B 335 12.28 -8.53 -10.33
C MET B 335 11.09 -9.37 -9.86
N GLY B 336 10.90 -10.54 -10.51
CA GLY B 336 9.71 -11.40 -10.39
C GLY B 336 8.42 -10.61 -10.64
N GLY B 337 7.45 -10.76 -9.75
CA GLY B 337 6.09 -10.22 -9.90
C GLY B 337 5.93 -8.86 -9.23
N LEU B 338 7.00 -8.30 -8.65
CA LEU B 338 6.92 -7.05 -7.85
C LEU B 338 6.43 -5.89 -8.72
N PRO B 339 7.00 -5.59 -9.90
CA PRO B 339 6.52 -4.44 -10.69
C PRO B 339 5.03 -4.57 -11.03
N SER B 340 4.60 -5.78 -11.41
CA SER B 340 3.19 -6.10 -11.76
C SER B 340 2.31 -5.90 -10.52
N LEU B 341 2.76 -6.35 -9.35
CA LEU B 341 2.01 -6.12 -8.09
C LEU B 341 1.83 -4.62 -7.88
N LEU B 342 2.89 -3.84 -8.01
CA LEU B 342 2.85 -2.38 -7.73
C LEU B 342 1.96 -1.68 -8.75
N PHE B 343 1.97 -2.17 -9.99
CA PHE B 343 1.10 -1.67 -11.08
C PHE B 343 -0.37 -1.86 -10.68
N TYR B 344 -0.77 -3.08 -10.33
CA TYR B 344 -2.19 -3.41 -10.03
C TYR B 344 -2.64 -2.74 -8.72
N LEU B 345 -1.74 -2.59 -7.75
CA LEU B 345 -2.01 -1.83 -6.50
C LEU B 345 -2.33 -0.37 -6.85
N ASN B 346 -1.45 0.27 -7.63
N ASN B 346 -1.45 0.27 -7.63
CA ASN B 346 -1.58 1.69 -8.09
CA ASN B 346 -1.58 1.68 -8.07
C ASN B 346 -2.88 1.82 -8.88
C ASN B 346 -2.88 1.82 -8.88
N SER B 347 -3.13 0.89 -9.82
CA SER B 347 -4.35 0.87 -10.67
C SER B 347 -5.60 0.85 -9.78
N TRP B 348 -5.57 0.06 -8.71
CA TRP B 348 -6.70 -0.05 -7.75
C TRP B 348 -6.90 1.27 -7.01
N ILE B 349 -5.84 1.80 -6.37
CA ILE B 349 -5.88 3.05 -5.56
C ILE B 349 -6.46 4.18 -6.42
N TYR B 350 -5.95 4.37 -7.64
CA TYR B 350 -6.26 5.53 -8.53
C TYR B 350 -7.25 5.15 -9.62
N ARG B 351 -8.11 4.13 -9.40
CA ARG B 351 -9.28 3.87 -10.29
C ARG B 351 -10.29 5.00 -10.08
#